data_4KZ9
#
_entry.id   4KZ9
#
_cell.length_a   118.580
_cell.length_b   76.420
_cell.length_c   97.500
_cell.angle_alpha   90.000
_cell.angle_beta   115.700
_cell.angle_gamma   90.000
#
_symmetry.space_group_name_H-M   'C 1 2 1'
#
loop_
_entity.id
_entity.type
_entity.pdbx_description
1 polymer Beta-lactamase
2 non-polymer 'PHOSPHATE ION'
3 non-polymer (4R,4aS,8aS)-4-phenyldecahydroquinolin-4-ol
4 water water
#
_entity_poly.entity_id   1
_entity_poly.type   'polypeptide(L)'
_entity_poly.pdbx_seq_one_letter_code
;APQQINDIVHRTITPLIEQQKIPGMAVAVIYQGKPYYFTWGYADIAKKQPVTQQTLFELGSVSKTFTGVLGGDAIARGEI
KLSDPTTKYWPELTAKQWNGITLLHLATYTAGGLPLQVPDEVKSSSDLLRFYQNWQPAWAPGTQRLYANSSIGLFGALAV
KPSGLSFEQAMQTRVFQPLKLNHTWINVPPAEEKNYAWGYREGKAVHVSPGALDAEAYGVKSTIEDMARWVQSNLKPLDI
NEKTLQQGIQLAQSRYWQTGDMYQGLGWEMLDWPVNPDSIINGSDNKIALAARPVKAITPPTPAVRASWVHKTGATGGFG
SYVAFIPEKELGIVMLANKNYPNPARVDAAWQILNALQ
;
_entity_poly.pdbx_strand_id   A,B
#
loop_
_chem_comp.id
_chem_comp.type
_chem_comp.name
_chem_comp.formula
1U7 non-polymer (4R,4aS,8aS)-4-phenyldecahydroquinolin-4-ol 'C15 H21 N O'
PO4 non-polymer 'PHOSPHATE ION' 'O4 P -3'
#
# COMPACT_ATOMS: atom_id res chain seq x y z
N ALA A 1 -18.69 6.94 -32.47
CA ALA A 1 -17.70 7.66 -31.69
C ALA A 1 -17.93 9.17 -31.83
N PRO A 2 -17.72 9.92 -30.74
CA PRO A 2 -17.65 11.39 -30.86
C PRO A 2 -16.65 11.71 -31.95
N GLN A 3 -16.98 12.67 -32.82
CA GLN A 3 -16.14 12.95 -33.98
C GLN A 3 -14.70 13.32 -33.58
N GLN A 4 -14.50 13.98 -32.45
CA GLN A 4 -13.13 14.29 -32.03
C GLN A 4 -12.28 13.05 -31.86
N ILE A 5 -12.83 12.01 -31.24
CA ILE A 5 -12.10 10.79 -31.03
C ILE A 5 -11.89 10.09 -32.38
N ASN A 6 -12.97 9.97 -33.17
CA ASN A 6 -12.83 9.44 -34.53
C ASN A 6 -11.67 10.10 -35.29
N ASP A 7 -11.70 11.42 -35.32
CA ASP A 7 -10.72 12.19 -36.11
C ASP A 7 -9.31 12.01 -35.58
N ILE A 8 -9.09 12.19 -34.28
CA ILE A 8 -7.70 12.06 -33.81
C ILE A 8 -7.17 10.66 -33.97
N VAL A 9 -8.02 9.65 -33.76
CA VAL A 9 -7.56 8.29 -33.96
C VAL A 9 -7.27 8.01 -35.42
N HIS A 10 -8.21 8.34 -36.32
CA HIS A 10 -7.97 8.00 -37.71
C HIS A 10 -6.78 8.76 -38.29
N ARG A 11 -6.64 10.00 -37.90
CA ARG A 11 -5.59 10.86 -38.46
C ARG A 11 -4.21 10.48 -37.99
N THR A 12 -4.16 9.78 -36.85
CA THR A 12 -2.90 9.36 -36.28
C THR A 12 -2.56 7.95 -36.74
N ILE A 13 -3.56 7.07 -36.77
CA ILE A 13 -3.29 5.66 -37.01
C ILE A 13 -3.18 5.34 -38.49
N THR A 14 -3.96 6.00 -39.33
CA THR A 14 -3.84 5.74 -40.76
C THR A 14 -2.42 5.96 -41.32
N PRO A 15 -1.79 7.11 -41.02
CA PRO A 15 -0.40 7.30 -41.40
C PRO A 15 0.55 6.28 -40.76
N LEU A 16 0.29 5.90 -39.51
CA LEU A 16 1.13 4.95 -38.81
C LEU A 16 1.11 3.63 -39.56
N ILE A 17 -0.07 3.17 -39.93
CA ILE A 17 -0.19 1.90 -40.64
C ILE A 17 0.55 1.94 -41.97
N GLU A 18 0.47 3.06 -42.67
CA GLU A 18 1.09 3.21 -43.97
C GLU A 18 2.60 3.22 -43.86
N GLN A 19 3.12 4.01 -42.91
CA GLN A 19 4.55 4.12 -42.72
C GLN A 19 5.17 2.81 -42.27
N GLN A 20 4.46 2.05 -41.43
CA GLN A 20 5.03 0.86 -40.82
C GLN A 20 4.63 -0.45 -41.51
N LYS A 21 3.77 -0.34 -42.54
CA LYS A 21 3.32 -1.49 -43.34
C LYS A 21 2.70 -2.54 -42.43
N ILE A 22 1.85 -2.06 -41.55
CA ILE A 22 1.18 -2.92 -40.60
C ILE A 22 -0.02 -3.60 -41.26
N PRO A 23 -0.08 -4.94 -41.21
CA PRO A 23 -1.13 -5.65 -41.95
C PRO A 23 -2.51 -5.48 -41.32
N GLY A 24 -2.55 -5.48 -40.01
CA GLY A 24 -3.83 -5.38 -39.33
C GLY A 24 -3.63 -4.73 -37.96
N MET A 25 -4.62 -3.94 -37.53
CA MET A 25 -4.48 -3.22 -36.28
C MET A 25 -5.83 -3.01 -35.65
N ALA A 26 -5.89 -3.05 -34.33
CA ALA A 26 -7.07 -2.62 -33.57
C ALA A 26 -6.64 -1.61 -32.53
N VAL A 27 -7.49 -0.64 -32.28
CA VAL A 27 -7.18 0.43 -31.33
C VAL A 27 -8.44 0.65 -30.52
N ALA A 28 -8.28 0.83 -29.22
CA ALA A 28 -9.35 1.27 -28.33
C ALA A 28 -8.90 2.54 -27.64
N VAL A 29 -9.82 3.50 -27.58
CA VAL A 29 -9.65 4.61 -26.69
C VAL A 29 -10.74 4.50 -25.64
N ILE A 30 -10.37 4.69 -24.38
CA ILE A 30 -11.33 4.60 -23.30
C ILE A 30 -11.39 5.94 -22.66
N TYR A 31 -12.57 6.55 -22.73
CA TYR A 31 -12.71 7.89 -22.25
C TYR A 31 -13.87 7.91 -21.28
N GLN A 32 -13.56 8.21 -20.02
CA GLN A 32 -14.55 8.22 -18.94
C GLN A 32 -15.34 6.94 -18.85
N GLY A 33 -14.65 5.82 -18.91
CA GLY A 33 -15.29 4.54 -18.75
C GLY A 33 -15.95 4.02 -20.01
N LYS A 34 -16.00 4.83 -21.07
CA LYS A 34 -16.57 4.34 -22.34
C LYS A 34 -15.48 3.99 -23.36
N PRO A 35 -15.50 2.75 -23.89
CA PRO A 35 -14.54 2.37 -24.93
C PRO A 35 -15.05 2.70 -26.34
N TYR A 36 -14.10 3.09 -27.17
CA TYR A 36 -14.37 3.35 -28.57
C TYR A 36 -13.38 2.57 -29.39
N TYR A 37 -13.89 1.80 -30.35
CA TYR A 37 -13.05 0.86 -31.07
C TYR A 37 -12.82 1.20 -32.51
N PHE A 38 -11.66 0.81 -33.02
CA PHE A 38 -11.28 1.09 -34.42
C PHE A 38 -10.48 -0.11 -34.94
N THR A 39 -10.76 -0.53 -36.17
CA THR A 39 -10.02 -1.64 -36.73
C THR A 39 -9.63 -1.37 -38.18
N TRP A 40 -8.52 -1.98 -38.58
CA TRP A 40 -8.05 -1.84 -39.96
C TRP A 40 -7.42 -3.15 -40.45
N GLY A 41 -7.59 -3.45 -41.74
CA GLY A 41 -6.69 -4.41 -42.35
C GLY A 41 -6.97 -5.85 -41.95
N TYR A 42 -5.92 -6.67 -41.93
CA TYR A 42 -6.06 -8.12 -41.99
C TYR A 42 -5.47 -8.84 -40.79
N ALA A 43 -6.30 -9.69 -40.15
CA ALA A 43 -5.85 -10.67 -39.17
C ALA A 43 -5.05 -11.78 -39.89
N ASP A 44 -5.50 -12.13 -41.10
CA ASP A 44 -4.84 -13.19 -41.86
C ASP A 44 -4.88 -12.76 -43.31
N ILE A 45 -3.73 -12.42 -43.86
CA ILE A 45 -3.69 -11.90 -45.22
C ILE A 45 -4.09 -12.96 -46.21
N ALA A 46 -3.48 -14.14 -46.09
CA ALA A 46 -3.73 -15.19 -47.06
C ALA A 46 -5.18 -15.58 -47.15
N LYS A 47 -5.85 -15.68 -46.00
CA LYS A 47 -7.25 -16.07 -45.93
C LYS A 47 -8.21 -14.88 -45.95
N LYS A 48 -7.66 -13.68 -46.10
CA LYS A 48 -8.47 -12.46 -46.23
C LYS A 48 -9.39 -12.23 -45.03
N GLN A 49 -8.93 -12.58 -43.83
CA GLN A 49 -9.76 -12.41 -42.65
C GLN A 49 -9.49 -11.03 -42.09
N PRO A 50 -10.52 -10.20 -41.96
CA PRO A 50 -10.26 -8.85 -41.42
C PRO A 50 -9.99 -8.83 -39.93
N VAL A 51 -9.29 -7.80 -39.46
CA VAL A 51 -9.27 -7.53 -38.03
C VAL A 51 -10.68 -7.07 -37.60
N THR A 52 -11.16 -7.64 -36.49
CA THR A 52 -12.44 -7.26 -35.90
C THR A 52 -12.20 -7.02 -34.41
N GLN A 53 -13.25 -6.67 -33.68
CA GLN A 53 -13.13 -6.44 -32.23
C GLN A 53 -12.99 -7.74 -31.50
N GLN A 54 -13.14 -8.84 -32.22
CA GLN A 54 -12.95 -10.16 -31.65
C GLN A 54 -11.61 -10.82 -32.01
N THR A 55 -10.75 -10.16 -32.80
CA THR A 55 -9.49 -10.73 -33.23
C THR A 55 -8.59 -10.86 -32.03
N LEU A 56 -7.96 -12.03 -31.88
CA LEU A 56 -6.91 -12.16 -30.86
C LEU A 56 -5.54 -11.76 -31.39
N PHE A 57 -4.82 -10.98 -30.59
CA PHE A 57 -3.47 -10.54 -30.87
C PHE A 57 -2.54 -11.06 -29.78
N GLU A 58 -1.31 -11.40 -30.13
CA GLU A 58 -0.32 -11.73 -29.10
C GLU A 58 0.12 -10.45 -28.38
N LEU A 59 0.01 -10.42 -27.07
CA LEU A 59 0.36 -9.20 -26.34
C LEU A 59 1.85 -9.10 -26.09
N GLY A 60 2.56 -10.21 -26.23
CA GLY A 60 3.96 -10.22 -25.85
C GLY A 60 4.19 -9.69 -24.45
N SER A 61 5.13 -8.76 -24.28
CA SER A 61 5.45 -8.32 -22.93
C SER A 61 4.35 -7.49 -22.24
N VAL A 62 3.31 -7.08 -22.96
CA VAL A 62 2.17 -6.53 -22.25
C VAL A 62 1.59 -7.55 -21.26
N SER A 63 1.87 -8.82 -21.48
CA SER A 63 1.48 -9.86 -20.53
C SER A 63 2.03 -9.58 -19.15
N LYS A 64 3.18 -8.92 -19.04
CA LYS A 64 3.75 -8.72 -17.74
C LYS A 64 2.87 -7.87 -16.85
N THR A 65 1.96 -7.09 -17.45
CA THR A 65 1.06 -6.33 -16.59
C THR A 65 0.08 -7.28 -15.88
N PHE A 66 -0.35 -8.32 -16.59
CA PHE A 66 -1.19 -9.33 -15.96
C PHE A 66 -0.43 -10.05 -14.85
N THR A 67 0.83 -10.39 -15.11
CA THR A 67 1.64 -11.10 -14.10
C THR A 67 1.85 -10.24 -12.88
N GLY A 68 2.14 -8.97 -13.11
CA GLY A 68 2.34 -8.04 -11.99
C GLY A 68 1.09 -7.92 -11.15
N VAL A 69 -0.09 -7.84 -11.78
CA VAL A 69 -1.34 -7.73 -11.01
C VAL A 69 -1.68 -9.06 -10.29
N LEU A 70 -1.42 -10.19 -10.96
CA LEU A 70 -1.65 -11.49 -10.28
C LEU A 70 -0.76 -11.57 -9.07
N GLY A 71 0.47 -11.09 -9.20
CA GLY A 71 1.39 -11.09 -8.04
C GLY A 71 0.91 -10.17 -6.94
N GLY A 72 0.40 -8.99 -7.33
CA GLY A 72 -0.18 -8.09 -6.35
C GLY A 72 -1.36 -8.74 -5.64
N ASP A 73 -2.19 -9.46 -6.38
CA ASP A 73 -3.33 -10.13 -5.78
C ASP A 73 -2.90 -11.17 -4.74
N ALA A 74 -1.83 -11.91 -5.05
CA ALA A 74 -1.30 -12.89 -4.12
C ALA A 74 -0.73 -12.21 -2.87
N ILE A 75 -0.12 -11.04 -3.03
CA ILE A 75 0.35 -10.30 -1.86
C ILE A 75 -0.84 -9.92 -1.00
N ALA A 76 -1.85 -9.35 -1.67
CA ALA A 76 -3.09 -8.95 -0.98
C ALA A 76 -3.79 -10.12 -0.27
N ARG A 77 -3.69 -11.31 -0.85
CA ARG A 77 -4.21 -12.53 -0.23
C ARG A 77 -3.39 -13.02 0.96
N GLY A 78 -2.24 -12.40 1.17
CA GLY A 78 -1.35 -12.81 2.23
C GLY A 78 -0.57 -14.10 1.91
N GLU A 79 -0.55 -14.48 0.62
CA GLU A 79 0.16 -15.68 0.20
C GLU A 79 1.67 -15.51 0.05
N ILE A 80 2.10 -14.34 -0.39
CA ILE A 80 3.51 -14.01 -0.54
C ILE A 80 3.73 -12.57 -0.02
N LYS A 81 5.01 -12.20 0.15
CA LYS A 81 5.36 -10.80 0.44
C LYS A 81 6.48 -10.49 -0.52
N LEU A 82 6.48 -9.28 -1.08
CA LEU A 82 7.61 -8.88 -1.91
C LEU A 82 8.97 -8.83 -1.20
N SER A 83 8.94 -8.65 0.11
CA SER A 83 10.18 -8.65 0.88
C SER A 83 10.71 -10.06 1.13
N ASP A 84 9.94 -11.08 0.77
CA ASP A 84 10.36 -12.50 1.00
C ASP A 84 11.59 -12.82 0.12
N PRO A 85 12.55 -13.54 0.68
CA PRO A 85 13.62 -14.09 -0.17
C PRO A 85 13.10 -15.09 -1.18
N THR A 86 13.70 -15.06 -2.37
CA THR A 86 13.34 -15.98 -3.43
C THR A 86 13.37 -17.42 -2.91
N THR A 87 14.36 -17.72 -2.11
CA THR A 87 14.54 -19.08 -1.60
C THR A 87 13.38 -19.56 -0.72
N LYS A 88 12.62 -18.64 -0.14
CA LYS A 88 11.49 -19.08 0.68
C LYS A 88 10.51 -19.93 -0.14
N TYR A 89 10.37 -19.58 -1.42
CA TYR A 89 9.46 -20.26 -2.35
C TYR A 89 10.12 -21.27 -3.25
N TRP A 90 11.45 -21.26 -3.26
CA TRP A 90 12.21 -22.25 -4.01
C TRP A 90 13.45 -22.64 -3.24
N PRO A 91 13.28 -23.47 -2.21
CA PRO A 91 14.41 -23.76 -1.33
C PRO A 91 15.51 -24.56 -2.01
N GLU A 92 15.21 -25.22 -3.13
CA GLU A 92 16.22 -25.93 -3.93
C GLU A 92 17.23 -24.96 -4.59
N LEU A 93 16.88 -23.68 -4.64
CA LEU A 93 17.78 -22.66 -5.14
C LEU A 93 18.86 -22.36 -4.08
N THR A 94 19.84 -23.25 -3.96
CA THR A 94 20.83 -23.16 -2.89
C THR A 94 22.09 -22.33 -3.18
N ALA A 95 22.33 -21.94 -4.43
CA ALA A 95 23.59 -21.24 -4.71
C ALA A 95 23.63 -19.89 -4.00
N LYS A 96 24.82 -19.48 -3.57
CA LYS A 96 24.94 -18.42 -2.57
C LYS A 96 24.60 -17.06 -3.16
N GLN A 97 24.64 -16.95 -4.49
CA GLN A 97 24.33 -15.68 -5.09
C GLN A 97 22.86 -15.29 -4.85
N TRP A 98 22.00 -16.27 -4.51
CA TRP A 98 20.58 -15.99 -4.25
C TRP A 98 20.28 -15.38 -2.87
N ASN A 99 21.29 -15.36 -2.02
CA ASN A 99 21.13 -14.70 -0.73
C ASN A 99 20.91 -13.22 -0.92
N GLY A 100 19.78 -12.73 -0.47
CA GLY A 100 19.55 -11.32 -0.58
C GLY A 100 18.69 -10.96 -1.78
N ILE A 101 18.38 -11.91 -2.67
CA ILE A 101 17.49 -11.65 -3.79
C ILE A 101 16.03 -11.97 -3.44
N THR A 102 15.22 -10.93 -3.37
CA THR A 102 13.82 -11.03 -2.97
C THR A 102 12.83 -11.11 -4.15
N LEU A 103 11.59 -11.43 -3.83
CA LEU A 103 10.54 -11.41 -4.84
C LEU A 103 10.45 -10.03 -5.50
N LEU A 104 10.65 -8.96 -4.72
CA LEU A 104 10.61 -7.61 -5.30
C LEU A 104 11.67 -7.47 -6.41
N HIS A 105 12.89 -7.93 -6.12
CA HIS A 105 13.94 -7.88 -7.16
C HIS A 105 13.55 -8.62 -8.42
N LEU A 106 12.99 -9.82 -8.25
CA LEU A 106 12.58 -10.56 -9.42
C LEU A 106 11.50 -9.83 -10.20
N ALA A 107 10.54 -9.29 -9.48
CA ALA A 107 9.37 -8.63 -10.11
C ALA A 107 9.76 -7.37 -10.87
N THR A 108 10.85 -6.74 -10.45
CA THR A 108 11.20 -5.43 -10.97
C THR A 108 12.53 -5.37 -11.75
N TYR A 109 13.08 -6.55 -12.06
CA TYR A 109 14.26 -6.68 -12.91
C TYR A 109 15.49 -6.15 -12.21
N THR A 110 15.48 -6.19 -10.88
CA THR A 110 16.60 -5.62 -10.12
C THR A 110 17.42 -6.66 -9.35
N ALA A 111 17.29 -7.92 -9.74
CA ALA A 111 17.99 -9.01 -9.03
C ALA A 111 19.52 -8.99 -9.17
N GLY A 112 20.01 -8.32 -10.21
CA GLY A 112 21.43 -8.14 -10.41
C GLY A 112 21.86 -8.64 -11.79
N GLY A 113 20.98 -8.53 -12.77
CA GLY A 113 21.37 -8.87 -14.14
C GLY A 113 20.89 -10.23 -14.65
N LEU A 114 19.74 -10.67 -14.21
CA LEU A 114 19.15 -11.85 -14.80
C LEU A 114 18.93 -11.57 -16.27
N PRO A 115 19.11 -12.59 -17.12
CA PRO A 115 19.15 -12.34 -18.57
C PRO A 115 17.79 -12.12 -19.20
N LEU A 116 17.79 -11.42 -20.33
CA LEU A 116 16.52 -11.08 -20.98
C LEU A 116 15.70 -12.30 -21.31
N GLN A 117 16.35 -13.32 -21.82
CA GLN A 117 15.69 -14.52 -22.33
C GLN A 117 16.10 -15.72 -21.51
N VAL A 118 15.11 -16.55 -21.19
CA VAL A 118 15.45 -17.89 -20.77
C VAL A 118 15.94 -18.66 -22.00
N PRO A 119 17.09 -19.37 -21.92
CA PRO A 119 17.60 -20.05 -23.11
C PRO A 119 16.62 -21.08 -23.66
N ASP A 120 16.55 -21.23 -24.98
CA ASP A 120 15.64 -22.17 -25.61
C ASP A 120 15.88 -23.59 -25.08
N GLU A 121 17.10 -23.89 -24.67
CA GLU A 121 17.40 -25.26 -24.28
C GLU A 121 16.79 -25.59 -22.92
N VAL A 122 16.33 -24.57 -22.22
CA VAL A 122 15.77 -24.77 -20.89
C VAL A 122 14.29 -25.13 -21.02
N LYS A 123 13.99 -26.42 -20.83
CA LYS A 123 12.61 -26.94 -20.93
C LYS A 123 11.99 -27.27 -19.55
N SER A 124 12.58 -28.22 -18.84
CA SER A 124 11.98 -28.79 -17.61
C SER A 124 12.17 -27.98 -16.34
N SER A 125 11.47 -28.37 -15.28
CA SER A 125 11.69 -27.71 -13.99
C SER A 125 13.14 -27.98 -13.55
N SER A 126 13.68 -29.15 -13.89
CA SER A 126 15.07 -29.38 -13.53
C SER A 126 16.05 -28.54 -14.36
N ASP A 127 15.78 -28.34 -15.65
CA ASP A 127 16.55 -27.36 -16.47
C ASP A 127 16.50 -25.96 -15.91
N LEU A 128 15.31 -25.52 -15.50
CA LEU A 128 15.18 -24.18 -14.98
C LEU A 128 16.00 -23.97 -13.71
N LEU A 129 15.90 -24.93 -12.78
CA LEU A 129 16.65 -24.84 -11.52
C LEU A 129 18.13 -24.74 -11.86
N ARG A 130 18.59 -25.59 -12.77
CA ARG A 130 20.00 -25.56 -13.14
C ARG A 130 20.37 -24.18 -13.70
N PHE A 131 19.52 -23.63 -14.56
CA PHE A 131 19.75 -22.32 -15.14
C PHE A 131 19.93 -21.20 -14.09
N TYR A 132 18.99 -21.11 -13.14
CA TYR A 132 19.06 -20.11 -12.09
C TYR A 132 20.20 -20.36 -11.08
N GLN A 133 20.49 -21.64 -10.83
CA GLN A 133 21.63 -21.99 -9.98
C GLN A 133 22.97 -21.52 -10.57
N ASN A 134 23.09 -21.64 -11.89
CA ASN A 134 24.34 -21.36 -12.55
C ASN A 134 24.57 -19.90 -12.90
N TRP A 135 23.47 -19.15 -12.95
CA TRP A 135 23.51 -17.73 -13.31
C TRP A 135 24.37 -16.96 -12.31
N GLN A 136 25.30 -16.16 -12.82
CA GLN A 136 26.14 -15.33 -11.98
C GLN A 136 25.76 -13.85 -12.15
N PRO A 137 25.22 -13.22 -11.08
CA PRO A 137 24.91 -11.78 -11.18
C PRO A 137 26.14 -10.97 -11.43
N ALA A 138 25.93 -9.97 -12.26
CA ALA A 138 26.88 -8.91 -12.51
C ALA A 138 26.92 -7.93 -11.33
N TRP A 139 25.77 -7.71 -10.70
CA TRP A 139 25.63 -6.64 -9.70
C TRP A 139 24.94 -7.15 -8.46
N ALA A 140 25.16 -6.44 -7.36
CA ALA A 140 24.45 -6.72 -6.13
C ALA A 140 22.97 -6.47 -6.37
N PRO A 141 22.14 -7.17 -5.59
CA PRO A 141 20.72 -6.93 -5.80
C PRO A 141 20.27 -5.51 -5.46
N GLY A 142 19.26 -5.05 -6.18
CA GLY A 142 18.68 -3.75 -5.90
C GLY A 142 19.56 -2.55 -6.26
N THR A 143 20.45 -2.74 -7.22
CA THR A 143 21.34 -1.67 -7.64
C THR A 143 21.14 -1.23 -9.12
N GLN A 144 20.86 -2.21 -9.99
CA GLN A 144 20.63 -1.90 -11.39
C GLN A 144 19.42 -2.64 -11.92
N ARG A 145 18.76 -2.00 -12.88
CA ARG A 145 17.61 -2.56 -13.57
C ARG A 145 18.05 -3.06 -14.94
N LEU A 146 17.71 -4.31 -15.22
CA LEU A 146 17.89 -4.86 -16.57
C LEU A 146 16.63 -5.64 -16.91
N TYR A 147 15.83 -5.07 -17.79
CA TYR A 147 14.58 -5.69 -18.22
C TYR A 147 14.83 -7.13 -18.59
N ALA A 148 14.02 -8.03 -18.05
CA ALA A 148 14.28 -9.46 -18.25
C ALA A 148 13.06 -10.35 -18.06
N ASN A 149 12.79 -11.20 -19.06
CA ASN A 149 11.77 -12.22 -18.93
C ASN A 149 12.14 -13.26 -17.90
N SER A 150 13.44 -13.52 -17.73
CA SER A 150 13.84 -14.55 -16.78
C SER A 150 13.63 -14.05 -15.36
N SER A 151 13.50 -12.74 -15.20
CA SER A 151 13.30 -12.15 -13.88
C SER A 151 11.81 -12.12 -13.53
N ILE A 152 11.01 -11.37 -14.27
CA ILE A 152 9.59 -11.33 -13.92
C ILE A 152 8.89 -12.68 -14.15
N GLY A 153 9.41 -13.49 -15.07
CA GLY A 153 8.86 -14.82 -15.33
C GLY A 153 8.95 -15.68 -14.08
N LEU A 154 10.12 -15.67 -13.45
CA LEU A 154 10.30 -16.41 -12.21
C LEU A 154 9.40 -15.85 -11.12
N PHE A 155 9.26 -14.54 -11.09
CA PHE A 155 8.41 -13.94 -10.08
C PHE A 155 7.02 -14.51 -10.23
N GLY A 156 6.51 -14.56 -11.47
CA GLY A 156 5.15 -15.02 -11.71
C GLY A 156 5.00 -16.46 -11.29
N ALA A 157 5.98 -17.26 -11.64
CA ALA A 157 5.91 -18.68 -11.29
C ALA A 157 5.93 -18.89 -9.76
N LEU A 158 6.75 -18.13 -9.03
CA LEU A 158 6.83 -18.34 -7.58
C LEU A 158 5.62 -17.75 -6.89
N ALA A 159 5.11 -16.63 -7.41
CA ALA A 159 4.00 -15.96 -6.77
C ALA A 159 2.76 -16.83 -6.66
N VAL A 160 2.58 -17.75 -7.60
CA VAL A 160 1.39 -18.62 -7.53
C VAL A 160 1.63 -19.94 -6.75
N LYS A 161 2.85 -20.15 -6.27
CA LYS A 161 3.10 -21.44 -5.59
C LYS A 161 2.20 -21.71 -4.37
N PRO A 162 2.05 -20.72 -3.48
CA PRO A 162 1.22 -21.03 -2.31
C PRO A 162 -0.25 -21.35 -2.64
N SER A 163 -0.76 -20.82 -3.74
CA SER A 163 -2.12 -21.03 -4.17
C SER A 163 -2.40 -22.49 -4.52
N GLY A 164 -1.37 -23.22 -4.92
CA GLY A 164 -1.57 -24.59 -5.35
C GLY A 164 -1.98 -24.72 -6.80
N LEU A 165 -2.22 -23.59 -7.46
CA LEU A 165 -2.77 -23.57 -8.81
C LEU A 165 -1.65 -23.51 -9.85
N SER A 166 -1.89 -24.00 -11.07
CA SER A 166 -0.99 -23.66 -12.15
C SER A 166 -1.02 -22.13 -12.33
N PHE A 167 0.01 -21.57 -12.94
CA PHE A 167 0.01 -20.15 -13.22
C PHE A 167 -1.20 -19.75 -14.05
N GLU A 168 -1.48 -20.55 -15.07
CA GLU A 168 -2.60 -20.27 -15.94
C GLU A 168 -3.93 -20.36 -15.18
N GLN A 169 -4.10 -21.38 -14.31
CA GLN A 169 -5.35 -21.50 -13.53
C GLN A 169 -5.49 -20.30 -12.59
N ALA A 170 -4.39 -19.89 -11.97
CA ALA A 170 -4.43 -18.75 -11.07
C ALA A 170 -4.84 -17.49 -11.84
N MET A 171 -4.22 -17.28 -13.01
CA MET A 171 -4.56 -16.11 -13.80
C MET A 171 -6.02 -16.11 -14.23
N GLN A 172 -6.49 -17.26 -14.69
CA GLN A 172 -7.91 -17.38 -15.12
C GLN A 172 -8.85 -17.07 -13.98
N THR A 173 -8.59 -17.69 -12.84
CA THR A 173 -9.60 -17.64 -11.78
C THR A 173 -9.51 -16.33 -11.03
N ARG A 174 -8.31 -15.76 -10.94
CA ARG A 174 -8.11 -14.62 -10.03
C ARG A 174 -8.08 -13.27 -10.73
N VAL A 175 -7.83 -13.30 -12.03
CA VAL A 175 -7.73 -12.06 -12.82
C VAL A 175 -8.68 -12.03 -14.04
N PHE A 176 -8.55 -12.99 -14.97
CA PHE A 176 -9.41 -12.95 -16.17
C PHE A 176 -10.90 -13.04 -15.84
N GLN A 177 -11.28 -14.02 -15.03
CA GLN A 177 -12.71 -14.26 -14.74
C GLN A 177 -13.39 -13.10 -14.00
N PRO A 178 -12.80 -12.63 -12.88
CA PRO A 178 -13.47 -11.51 -12.18
C PRO A 178 -13.62 -10.24 -13.01
N LEU A 179 -12.70 -10.01 -13.93
CA LEU A 179 -12.72 -8.83 -14.78
C LEU A 179 -13.47 -9.05 -16.09
N LYS A 180 -14.10 -10.22 -16.21
CA LYS A 180 -14.89 -10.59 -17.42
C LYS A 180 -14.04 -10.53 -18.72
N LEU A 181 -12.79 -10.94 -18.61
CA LEU A 181 -11.90 -10.97 -19.77
C LEU A 181 -12.06 -12.41 -20.35
N ASN A 182 -13.15 -12.63 -21.06
CA ASN A 182 -13.54 -13.97 -21.46
C ASN A 182 -13.00 -14.40 -22.80
N HIS A 183 -12.23 -13.52 -23.43
CA HIS A 183 -11.53 -13.83 -24.67
C HIS A 183 -10.07 -13.42 -24.55
N THR A 184 -9.52 -13.70 -23.36
CA THR A 184 -8.12 -13.54 -23.06
C THR A 184 -7.56 -14.88 -22.61
N TRP A 185 -6.45 -15.25 -23.22
CA TRP A 185 -5.95 -16.62 -23.10
C TRP A 185 -4.44 -16.67 -22.97
N ILE A 186 -3.99 -17.59 -22.13
CA ILE A 186 -2.58 -18.01 -22.16
C ILE A 186 -2.38 -19.09 -23.24
N ASN A 187 -3.39 -19.94 -23.42
CA ASN A 187 -3.38 -20.89 -24.51
C ASN A 187 -4.66 -20.74 -25.30
N VAL A 188 -4.56 -20.43 -26.58
CA VAL A 188 -5.74 -20.20 -27.38
C VAL A 188 -6.44 -21.52 -27.63
N PRO A 189 -7.71 -21.63 -27.21
CA PRO A 189 -8.42 -22.90 -27.43
C PRO A 189 -8.74 -23.10 -28.90
N PRO A 190 -8.91 -24.36 -29.31
CA PRO A 190 -9.27 -24.61 -30.72
C PRO A 190 -10.51 -23.87 -31.16
N ALA A 191 -11.47 -23.70 -30.25
CA ALA A 191 -12.72 -23.00 -30.62
C ALA A 191 -12.48 -21.54 -31.00
N GLU A 192 -11.36 -20.99 -30.52
CA GLU A 192 -11.08 -19.56 -30.71
C GLU A 192 -10.07 -19.33 -31.84
N GLU A 193 -9.61 -20.40 -32.50
CA GLU A 193 -8.54 -20.23 -33.51
C GLU A 193 -8.98 -19.38 -34.70
N LYS A 194 -10.27 -19.43 -35.03
CA LYS A 194 -10.85 -18.63 -36.09
C LYS A 194 -10.56 -17.14 -35.88
N ASN A 195 -10.35 -16.73 -34.63
CA ASN A 195 -10.13 -15.30 -34.30
C ASN A 195 -8.68 -14.96 -34.05
N TYR A 196 -7.80 -15.96 -34.14
CA TYR A 196 -6.39 -15.72 -33.76
C TYR A 196 -5.65 -15.19 -34.99
N ALA A 197 -5.28 -13.91 -34.94
CA ALA A 197 -4.54 -13.30 -36.03
C ALA A 197 -3.20 -14.00 -36.21
N TRP A 198 -2.68 -14.00 -37.45
CA TRP A 198 -1.29 -14.37 -37.64
C TRP A 198 -0.46 -13.14 -37.39
N GLY A 199 0.74 -13.32 -36.83
CA GLY A 199 1.73 -12.24 -36.84
C GLY A 199 2.50 -12.24 -38.14
N TYR A 200 3.14 -11.12 -38.49
CA TYR A 200 3.92 -11.09 -39.71
C TYR A 200 5.31 -10.58 -39.39
N ARG A 201 6.31 -11.38 -39.72
CA ARG A 201 7.70 -11.02 -39.49
C ARG A 201 8.39 -11.26 -40.81
N GLU A 202 8.96 -10.20 -41.38
CA GLU A 202 9.57 -10.25 -42.71
C GLU A 202 8.62 -10.86 -43.74
N GLY A 203 7.32 -10.57 -43.61
CA GLY A 203 6.37 -11.05 -44.59
C GLY A 203 5.83 -12.46 -44.35
N LYS A 204 6.38 -13.17 -43.38
CA LYS A 204 5.95 -14.53 -43.09
C LYS A 204 4.98 -14.55 -41.91
N ALA A 205 3.92 -15.35 -42.03
CA ALA A 205 2.96 -15.55 -40.94
C ALA A 205 3.56 -16.39 -39.82
N VAL A 206 3.50 -15.87 -38.60
CA VAL A 206 4.13 -16.51 -37.45
C VAL A 206 3.34 -16.33 -36.18
N HIS A 207 3.43 -17.33 -35.31
CA HIS A 207 2.87 -17.25 -33.97
C HIS A 207 3.99 -17.48 -33.00
N VAL A 208 3.78 -17.04 -31.77
CA VAL A 208 4.83 -17.18 -30.73
C VAL A 208 5.14 -18.65 -30.44
N SER A 209 6.44 -18.94 -30.28
CA SER A 209 6.90 -20.29 -30.00
C SER A 209 6.84 -20.57 -28.51
N PRO A 210 6.56 -21.83 -28.13
CA PRO A 210 6.59 -22.19 -26.71
C PRO A 210 7.99 -21.95 -26.15
N GLY A 211 8.03 -21.60 -24.88
CA GLY A 211 9.32 -21.47 -24.20
C GLY A 211 9.07 -21.49 -22.70
N ALA A 212 10.08 -21.82 -21.92
CA ALA A 212 9.89 -21.80 -20.47
C ALA A 212 9.56 -20.40 -19.96
N LEU A 213 8.59 -20.34 -19.06
CA LEU A 213 8.15 -19.07 -18.45
C LEU A 213 7.49 -18.17 -19.48
N ASP A 214 7.03 -18.75 -20.58
CA ASP A 214 6.31 -17.96 -21.57
C ASP A 214 4.99 -17.37 -21.02
N ALA A 215 4.19 -18.20 -20.34
CA ALA A 215 2.92 -17.74 -19.78
C ALA A 215 3.14 -16.50 -18.89
N GLU A 216 4.19 -16.59 -18.07
CA GLU A 216 4.46 -15.60 -17.04
C GLU A 216 5.02 -14.29 -17.60
N ALA A 217 5.73 -14.36 -18.71
CA ALA A 217 6.42 -13.20 -19.20
C ALA A 217 5.85 -12.59 -20.47
N TYR A 218 5.35 -13.41 -21.39
CA TYR A 218 4.94 -12.87 -22.70
C TYR A 218 3.86 -13.67 -23.43
N GLY A 219 3.11 -14.49 -22.72
CA GLY A 219 2.26 -15.46 -23.43
C GLY A 219 0.76 -15.18 -23.51
N VAL A 220 0.29 -14.00 -23.13
CA VAL A 220 -1.15 -13.71 -23.19
C VAL A 220 -1.60 -13.23 -24.59
N LYS A 221 -2.73 -13.76 -25.04
CA LYS A 221 -3.38 -13.32 -26.28
C LYS A 221 -4.74 -12.75 -25.90
N SER A 222 -5.15 -11.67 -26.56
CA SER A 222 -6.37 -11.01 -26.13
C SER A 222 -6.99 -10.22 -27.27
N THR A 223 -8.22 -9.80 -27.07
CA THR A 223 -8.92 -8.99 -28.07
C THR A 223 -8.86 -7.52 -27.68
N ILE A 224 -9.22 -6.63 -28.61
CA ILE A 224 -9.22 -5.20 -28.32
C ILE A 224 -10.28 -4.87 -27.24
N GLU A 225 -11.38 -5.62 -27.23
CA GLU A 225 -12.40 -5.41 -26.22
C GLU A 225 -11.91 -5.75 -24.82
N ASP A 226 -11.29 -6.91 -24.68
CA ASP A 226 -10.85 -7.33 -23.36
C ASP A 226 -9.69 -6.44 -22.92
N MET A 227 -8.89 -5.99 -23.87
CA MET A 227 -7.76 -5.17 -23.46
C MET A 227 -8.22 -3.80 -23.04
N ALA A 228 -9.25 -3.30 -23.68
CA ALA A 228 -9.86 -2.03 -23.24
C ALA A 228 -10.44 -2.22 -21.83
N ARG A 229 -11.07 -3.36 -21.58
CA ARG A 229 -11.59 -3.62 -20.25
C ARG A 229 -10.46 -3.73 -19.22
N TRP A 230 -9.38 -4.38 -19.62
CA TRP A 230 -8.17 -4.46 -18.78
C TRP A 230 -7.67 -3.06 -18.44
N VAL A 231 -7.48 -2.23 -19.47
CA VAL A 231 -7.01 -0.86 -19.18
C VAL A 231 -7.95 -0.11 -18.21
N GLN A 232 -9.26 -0.25 -18.42
CA GLN A 232 -10.21 0.45 -17.55
C GLN A 232 -10.13 -0.06 -16.11
N SER A 233 -9.92 -1.37 -15.96
CA SER A 233 -9.82 -1.96 -14.64
C SER A 233 -8.61 -1.41 -13.91
N ASN A 234 -7.55 -1.14 -14.68
CA ASN A 234 -6.31 -0.61 -14.08
C ASN A 234 -6.41 0.89 -13.86
N LEU A 235 -7.16 1.55 -14.74
CA LEU A 235 -7.46 2.98 -14.61
C LEU A 235 -8.24 3.30 -13.36
N LYS A 236 -9.28 2.51 -13.12
CA LYS A 236 -10.22 2.76 -12.03
C LYS A 236 -10.42 1.52 -11.16
N PRO A 237 -9.37 1.12 -10.43
CA PRO A 237 -9.43 -0.14 -9.66
C PRO A 237 -10.48 -0.17 -8.57
N LEU A 238 -10.87 0.99 -8.11
CA LEU A 238 -11.83 1.06 -7.02
C LEU A 238 -13.24 0.55 -7.40
N ASP A 239 -13.53 0.49 -8.69
CA ASP A 239 -14.77 -0.13 -9.16
C ASP A 239 -14.75 -1.67 -9.04
N ILE A 240 -13.58 -2.26 -8.86
CA ILE A 240 -13.46 -3.72 -8.78
C ILE A 240 -13.96 -4.26 -7.45
N ASN A 241 -14.86 -5.25 -7.51
CA ASN A 241 -15.52 -5.73 -6.32
C ASN A 241 -14.69 -6.73 -5.53
N GLU A 242 -13.80 -7.43 -6.21
CA GLU A 242 -12.99 -8.46 -5.56
C GLU A 242 -11.84 -7.76 -4.83
N LYS A 243 -11.88 -7.80 -3.50
CA LYS A 243 -10.98 -6.97 -2.68
C LYS A 243 -9.50 -7.22 -2.95
N THR A 244 -9.09 -8.47 -3.05
CA THR A 244 -7.66 -8.72 -3.25
C THR A 244 -7.21 -8.29 -4.63
N LEU A 245 -8.10 -8.33 -5.62
CA LEU A 245 -7.75 -7.94 -6.98
C LEU A 245 -7.64 -6.44 -7.11
N GLN A 246 -8.61 -5.73 -6.53
CA GLN A 246 -8.54 -4.28 -6.42
C GLN A 246 -7.19 -3.88 -5.80
N GLN A 247 -6.83 -4.53 -4.70
CA GLN A 247 -5.57 -4.20 -4.01
C GLN A 247 -4.34 -4.57 -4.83
N GLY A 248 -4.38 -5.73 -5.48
CA GLY A 248 -3.29 -6.14 -6.33
C GLY A 248 -3.04 -5.16 -7.47
N ILE A 249 -4.11 -4.69 -8.10
CA ILE A 249 -3.96 -3.65 -9.12
C ILE A 249 -3.24 -2.41 -8.56
N GLN A 250 -3.63 -2.02 -7.37
CA GLN A 250 -3.04 -0.85 -6.74
C GLN A 250 -1.57 -1.12 -6.52
N LEU A 251 -1.24 -2.33 -6.05
CA LEU A 251 0.15 -2.64 -5.79
C LEU A 251 1.01 -2.63 -7.07
N ALA A 252 0.43 -2.98 -8.20
CA ALA A 252 1.21 -3.12 -9.43
C ALA A 252 1.56 -1.73 -9.94
N GLN A 253 0.83 -0.71 -9.50
CA GLN A 253 1.15 0.65 -9.94
C GLN A 253 1.88 1.44 -8.89
N SER A 254 2.29 0.79 -7.81
CA SER A 254 3.14 1.46 -6.85
C SER A 254 4.53 1.68 -7.46
N ARG A 255 5.23 2.71 -7.01
CA ARG A 255 6.53 3.06 -7.58
C ARG A 255 7.62 2.51 -6.67
N TYR A 256 8.33 1.50 -7.17
CA TYR A 256 9.32 0.75 -6.38
C TYR A 256 10.75 1.26 -6.58
N TRP A 257 11.03 1.72 -7.80
CA TRP A 257 12.39 2.13 -8.19
C TRP A 257 12.28 3.27 -9.19
N GLN A 258 13.32 4.09 -9.27
CA GLN A 258 13.32 5.16 -10.24
C GLN A 258 14.58 5.05 -11.04
N THR A 259 14.41 5.10 -12.36
CA THR A 259 15.56 5.29 -13.25
C THR A 259 15.24 6.44 -14.20
N GLY A 260 15.98 7.53 -14.10
CA GLY A 260 15.68 8.68 -14.91
C GLY A 260 14.31 9.22 -14.53
N ASP A 261 13.45 9.42 -15.53
CA ASP A 261 12.08 9.89 -15.29
C ASP A 261 11.09 8.76 -15.16
N MET A 262 11.55 7.52 -15.17
CA MET A 262 10.60 6.39 -15.11
C MET A 262 10.62 5.68 -13.76
N TYR A 263 9.43 5.22 -13.35
CA TYR A 263 9.26 4.48 -12.12
C TYR A 263 8.82 3.08 -12.49
N GLN A 264 9.42 2.09 -11.85
CA GLN A 264 9.08 0.69 -12.10
C GLN A 264 8.00 0.19 -11.15
N GLY A 265 6.89 -0.28 -11.70
CA GLY A 265 5.82 -0.95 -10.93
C GLY A 265 5.97 -2.45 -11.05
N LEU A 266 4.89 -3.20 -10.82
CA LEU A 266 4.92 -4.64 -11.07
C LEU A 266 4.31 -4.81 -12.46
N GLY A 267 5.17 -5.02 -13.45
CA GLY A 267 4.74 -5.09 -14.84
C GLY A 267 4.59 -3.69 -15.45
N TRP A 268 3.66 -2.91 -14.91
CA TRP A 268 3.45 -1.53 -15.34
C TRP A 268 4.71 -0.69 -15.08
N GLU A 269 4.90 0.29 -15.97
CA GLU A 269 5.91 1.32 -15.79
C GLU A 269 5.20 2.67 -15.79
N MET A 270 5.73 3.64 -15.06
CA MET A 270 5.04 4.91 -14.85
C MET A 270 5.96 6.11 -14.98
N LEU A 271 5.41 7.19 -15.52
CA LEU A 271 6.06 8.50 -15.45
C LEU A 271 5.05 9.52 -14.94
N ASP A 272 5.55 10.56 -14.30
CA ASP A 272 4.68 11.67 -13.92
C ASP A 272 4.03 12.30 -15.12
N TRP A 273 2.74 12.57 -15.00
CA TRP A 273 1.96 13.31 -15.98
C TRP A 273 1.80 14.74 -15.47
N PRO A 274 2.05 15.74 -16.32
CA PRO A 274 2.28 15.61 -17.76
C PRO A 274 3.72 15.22 -18.11
N VAL A 275 3.87 14.42 -19.16
CA VAL A 275 5.19 13.96 -19.55
C VAL A 275 5.70 14.64 -20.78
N ASN A 276 6.97 14.97 -20.77
CA ASN A 276 7.70 15.24 -22.00
C ASN A 276 7.60 13.94 -22.85
N PRO A 277 6.95 14.03 -24.02
CA PRO A 277 6.79 12.85 -24.91
C PRO A 277 8.14 12.21 -25.30
N ASP A 278 9.17 13.03 -25.38
CA ASP A 278 10.54 12.59 -25.64
C ASP A 278 11.07 11.74 -24.50
N SER A 279 10.56 11.99 -23.30
CA SER A 279 11.03 11.27 -22.13
C SER A 279 10.50 9.86 -22.14
N ILE A 280 9.31 9.67 -22.71
CA ILE A 280 8.73 8.32 -22.72
C ILE A 280 9.55 7.39 -23.62
N ILE A 288 17.57 -0.82 -28.65
CA ILE A 288 18.55 -1.33 -27.70
C ILE A 288 18.10 -2.70 -27.20
N ALA A 289 19.01 -3.66 -27.35
CA ALA A 289 18.84 -5.08 -27.00
C ALA A 289 18.99 -5.36 -25.50
N LEU A 290 19.80 -4.55 -24.84
CA LEU A 290 20.12 -4.68 -23.41
C LEU A 290 20.45 -3.25 -22.92
N ALA A 291 19.72 -2.74 -21.92
CA ALA A 291 20.04 -1.42 -21.33
C ALA A 291 20.10 -1.51 -19.82
N ALA A 292 21.32 -1.48 -19.30
CA ALA A 292 21.57 -1.61 -17.87
C ALA A 292 21.48 -0.22 -17.27
N ARG A 293 20.58 0.01 -16.31
CA ARG A 293 20.46 1.32 -15.67
C ARG A 293 20.50 1.26 -14.15
N PRO A 294 21.33 2.10 -13.53
CA PRO A 294 21.28 2.16 -12.06
C PRO A 294 19.89 2.58 -11.61
N VAL A 295 19.40 2.04 -10.49
CA VAL A 295 18.11 2.45 -9.95
C VAL A 295 18.26 3.04 -8.55
N LYS A 296 17.37 3.98 -8.22
CA LYS A 296 17.20 4.49 -6.87
C LYS A 296 16.00 3.80 -6.28
N ALA A 297 16.15 3.26 -5.08
CA ALA A 297 15.03 2.62 -4.40
C ALA A 297 14.09 3.71 -3.90
N ILE A 298 12.79 3.45 -3.98
CA ILE A 298 11.82 4.38 -3.45
C ILE A 298 11.38 3.72 -2.16
N THR A 299 11.79 4.31 -1.05
CA THR A 299 11.76 3.66 0.24
C THR A 299 10.89 4.47 1.20
N PRO A 300 9.64 4.02 1.45
CA PRO A 300 8.89 2.91 0.89
C PRO A 300 8.29 3.28 -0.46
N PRO A 301 7.79 2.30 -1.21
CA PRO A 301 7.22 2.55 -2.55
C PRO A 301 6.09 3.56 -2.43
N THR A 302 6.00 4.48 -3.40
CA THR A 302 4.88 5.43 -3.46
C THR A 302 3.63 4.71 -3.99
N PRO A 303 2.49 4.86 -3.29
CA PRO A 303 1.31 4.20 -3.83
C PRO A 303 0.94 4.86 -5.15
N ALA A 304 0.10 4.15 -5.92
CA ALA A 304 -0.23 4.56 -7.26
C ALA A 304 -0.59 6.02 -7.38
N VAL A 305 0.13 6.70 -8.24
CA VAL A 305 -0.09 8.13 -8.37
C VAL A 305 -1.08 8.38 -9.51
N ARG A 306 -2.15 9.11 -9.21
CA ARG A 306 -3.19 9.37 -10.21
C ARG A 306 -2.69 10.14 -11.44
N ALA A 307 -1.88 11.17 -11.21
CA ALA A 307 -1.31 11.94 -12.31
C ALA A 307 -0.06 11.24 -12.85
N SER A 308 -0.27 10.10 -13.51
CA SER A 308 0.80 9.32 -14.12
C SER A 308 0.43 8.96 -15.54
N TRP A 309 1.45 8.77 -16.37
CA TRP A 309 1.34 8.12 -17.65
C TRP A 309 1.77 6.72 -17.28
N VAL A 310 0.84 5.78 -17.31
CA VAL A 310 1.15 4.40 -16.96
C VAL A 310 1.09 3.60 -18.25
N HIS A 311 2.14 2.81 -18.51
CA HIS A 311 2.18 2.13 -19.80
C HIS A 311 2.98 0.85 -19.82
N LYS A 312 2.87 0.15 -20.96
CA LYS A 312 3.70 -1.00 -21.23
C LYS A 312 3.69 -1.29 -22.71
N THR A 313 4.88 -1.46 -23.26
CA THR A 313 5.01 -1.94 -24.64
C THR A 313 5.20 -3.44 -24.65
N GLY A 314 4.88 -4.06 -25.78
CA GLY A 314 5.06 -5.50 -25.81
C GLY A 314 5.22 -5.99 -27.22
N ALA A 315 6.02 -7.03 -27.41
CA ALA A 315 6.17 -7.55 -28.75
C ALA A 315 6.35 -9.04 -28.72
N THR A 316 5.97 -9.71 -29.79
CA THR A 316 6.51 -11.04 -30.09
C THR A 316 7.09 -10.93 -31.49
N GLY A 317 7.52 -12.05 -32.09
CA GLY A 317 8.15 -11.99 -33.39
C GLY A 317 7.27 -11.36 -34.44
N GLY A 318 5.95 -11.60 -34.33
CA GLY A 318 5.05 -11.08 -35.34
C GLY A 318 4.04 -10.06 -34.85
N PHE A 319 4.14 -9.62 -33.60
CA PHE A 319 3.13 -8.70 -33.06
C PHE A 319 3.78 -7.54 -32.30
N GLY A 320 3.08 -6.40 -32.26
CA GLY A 320 3.55 -5.22 -31.53
C GLY A 320 2.35 -4.62 -30.82
N SER A 321 2.39 -4.55 -29.49
CA SER A 321 1.27 -4.03 -28.73
CA SER A 321 1.27 -4.04 -28.71
C SER A 321 1.69 -2.88 -27.81
N TYR A 322 0.72 -2.08 -27.40
CA TYR A 322 0.99 -0.98 -26.49
C TYR A 322 -0.28 -0.65 -25.76
N VAL A 323 -0.14 -0.43 -24.45
CA VAL A 323 -1.23 0.08 -23.66
C VAL A 323 -0.69 1.28 -22.85
N ALA A 324 -1.49 2.34 -22.71
CA ALA A 324 -1.12 3.45 -21.84
C ALA A 324 -2.38 4.05 -21.26
N PHE A 325 -2.30 4.56 -20.05
CA PHE A 325 -3.43 5.32 -19.52
C PHE A 325 -3.00 6.37 -18.52
N ILE A 326 -3.91 7.32 -18.28
CA ILE A 326 -3.66 8.43 -17.37
C ILE A 326 -4.86 8.51 -16.42
N PRO A 327 -4.73 7.94 -15.19
CA PRO A 327 -5.83 7.91 -14.23
C PRO A 327 -6.50 9.26 -14.05
N GLU A 328 -5.69 10.28 -13.80
CA GLU A 328 -6.20 11.60 -13.51
C GLU A 328 -7.11 12.16 -14.62
N LYS A 329 -6.91 11.73 -15.86
CA LYS A 329 -7.70 12.23 -16.98
C LYS A 329 -8.77 11.21 -17.43
N GLU A 330 -8.90 10.10 -16.72
CA GLU A 330 -9.84 9.03 -17.10
C GLU A 330 -9.71 8.60 -18.57
N LEU A 331 -8.46 8.41 -19.03
CA LEU A 331 -8.19 8.26 -20.44
C LEU A 331 -7.25 7.11 -20.59
N GLY A 332 -7.52 6.21 -21.54
CA GLY A 332 -6.65 5.09 -21.80
C GLY A 332 -6.64 4.75 -23.28
N ILE A 333 -5.65 3.97 -23.68
CA ILE A 333 -5.55 3.59 -25.08
C ILE A 333 -4.91 2.21 -25.16
N VAL A 334 -5.37 1.43 -26.15
CA VAL A 334 -4.79 0.15 -26.48
C VAL A 334 -4.52 0.15 -27.99
N MET A 335 -3.29 -0.21 -28.38
CA MET A 335 -2.96 -0.40 -29.79
C MET A 335 -2.40 -1.82 -30.02
N LEU A 336 -3.13 -2.62 -30.80
CA LEU A 336 -2.70 -4.02 -31.08
C LEU A 336 -2.45 -4.17 -32.57
N ALA A 337 -1.27 -4.65 -32.96
CA ALA A 337 -0.93 -4.77 -34.38
C ALA A 337 -0.30 -6.14 -34.58
N ASN A 338 -0.46 -6.73 -35.77
CA ASN A 338 0.16 -8.01 -36.07
C ASN A 338 1.42 -7.80 -36.92
N LYS A 339 2.19 -6.79 -36.53
CA LYS A 339 3.60 -6.65 -36.91
C LYS A 339 4.35 -6.00 -35.74
N ASN A 340 5.58 -6.45 -35.49
CA ASN A 340 6.42 -5.86 -34.43
C ASN A 340 7.14 -4.63 -34.97
N TYR A 341 6.53 -3.46 -34.85
CA TYR A 341 7.10 -2.22 -35.42
C TYR A 341 7.69 -1.41 -34.27
N PRO A 342 8.58 -0.43 -34.58
CA PRO A 342 9.37 0.23 -33.52
C PRO A 342 8.56 0.89 -32.37
N ASN A 343 9.01 0.67 -31.13
CA ASN A 343 8.33 1.22 -29.94
C ASN A 343 8.10 2.73 -30.00
N PRO A 344 9.07 3.51 -30.49
CA PRO A 344 8.83 4.98 -30.44
C PRO A 344 7.62 5.40 -31.27
N ALA A 345 7.36 4.70 -32.38
CA ALA A 345 6.22 5.01 -33.22
C ALA A 345 4.91 4.74 -32.47
N ARG A 346 4.93 3.69 -31.63
CA ARG A 346 3.78 3.35 -30.76
C ARG A 346 3.54 4.47 -29.77
N VAL A 347 4.59 4.87 -29.06
CA VAL A 347 4.41 5.87 -28.02
C VAL A 347 3.99 7.22 -28.62
N ASP A 348 4.61 7.59 -29.75
CA ASP A 348 4.29 8.82 -30.43
C ASP A 348 2.82 8.90 -30.77
N ALA A 349 2.33 7.84 -31.38
CA ALA A 349 0.91 7.75 -31.79
C ALA A 349 0.00 7.82 -30.56
N ALA A 350 0.34 7.04 -29.53
CA ALA A 350 -0.49 7.04 -28.32
C ALA A 350 -0.51 8.41 -27.67
N TRP A 351 0.66 9.05 -27.58
CA TRP A 351 0.73 10.36 -26.99
C TRP A 351 -0.04 11.37 -27.80
N GLN A 352 0.06 11.30 -29.13
CA GLN A 352 -0.66 12.26 -30.00
C GLN A 352 -2.15 12.17 -29.71
N ILE A 353 -2.64 10.93 -29.58
CA ILE A 353 -4.07 10.67 -29.37
C ILE A 353 -4.52 11.13 -27.97
N LEU A 354 -3.83 10.67 -26.94
CA LEU A 354 -4.24 11.02 -25.60
C LEU A 354 -4.06 12.51 -25.30
N ASN A 355 -2.98 13.09 -25.79
CA ASN A 355 -2.75 14.50 -25.49
C ASN A 355 -3.88 15.36 -26.08
N ALA A 356 -4.33 14.99 -27.27
CA ALA A 356 -5.38 15.72 -27.97
C ALA A 356 -6.73 15.62 -27.27
N LEU A 357 -6.94 14.55 -26.50
CA LEU A 357 -8.25 14.31 -25.89
C LEU A 357 -8.24 14.76 -24.46
N GLN A 358 -7.05 15.07 -23.97
CA GLN A 358 -6.87 15.31 -22.56
C GLN A 358 -7.21 16.74 -22.22
N ALA B 1 -25.84 -6.86 25.84
CA ALA B 1 -24.75 -7.64 25.28
C ALA B 1 -24.94 -9.15 25.52
N PRO B 2 -24.36 -9.97 24.62
CA PRO B 2 -24.40 -11.41 24.88
C PRO B 2 -23.77 -11.70 26.24
N GLN B 3 -24.32 -12.68 26.93
CA GLN B 3 -23.85 -13.08 28.25
C GLN B 3 -22.33 -13.36 28.27
N GLN B 4 -21.77 -13.85 27.18
CA GLN B 4 -20.34 -14.19 27.22
C GLN B 4 -19.48 -12.95 27.29
N ILE B 5 -19.95 -11.87 26.65
CA ILE B 5 -19.22 -10.63 26.68
C ILE B 5 -19.36 -9.96 28.05
N ASN B 6 -20.59 -9.86 28.54
CA ASN B 6 -20.81 -9.33 29.89
C ASN B 6 -20.00 -10.08 30.95
N ASP B 7 -19.96 -11.40 30.84
CA ASP B 7 -19.31 -12.23 31.83
C ASP B 7 -17.81 -11.94 31.84
N ILE B 8 -17.15 -11.99 30.67
CA ILE B 8 -15.72 -11.80 30.70
C ILE B 8 -15.33 -10.35 31.04
N VAL B 9 -16.15 -9.39 30.63
CA VAL B 9 -15.81 -8.01 30.93
C VAL B 9 -15.93 -7.77 32.43
N HIS B 10 -17.02 -8.25 33.02
CA HIS B 10 -17.27 -8.00 34.43
C HIS B 10 -16.21 -8.71 35.26
N ARG B 11 -15.82 -9.92 34.86
CA ARG B 11 -14.80 -10.67 35.61
C ARG B 11 -13.42 -10.09 35.46
N THR B 12 -13.19 -9.34 34.40
CA THR B 12 -11.85 -8.84 34.11
C THR B 12 -11.66 -7.36 34.50
N ILE B 13 -12.53 -6.48 34.00
CA ILE B 13 -12.35 -5.04 34.23
C ILE B 13 -12.80 -4.65 35.64
N THR B 14 -13.91 -5.21 36.13
CA THR B 14 -14.38 -4.81 37.43
C THR B 14 -13.33 -5.00 38.52
N PRO B 15 -12.64 -6.16 38.55
CA PRO B 15 -11.60 -6.23 39.58
C PRO B 15 -10.35 -5.41 39.24
N LEU B 16 -10.05 -5.24 37.97
CA LEU B 16 -8.93 -4.36 37.56
C LEU B 16 -9.11 -2.99 38.18
N ILE B 17 -10.35 -2.50 38.12
CA ILE B 17 -10.63 -1.18 38.65
C ILE B 17 -10.37 -1.13 40.16
N GLU B 18 -10.79 -2.19 40.88
CA GLU B 18 -10.59 -2.21 42.33
C GLU B 18 -9.10 -2.31 42.63
N GLN B 19 -8.39 -3.12 41.83
CA GLN B 19 -6.97 -3.34 42.05
C GLN B 19 -6.15 -2.07 41.85
N GLN B 20 -6.50 -1.32 40.79
CA GLN B 20 -5.74 -0.17 40.37
C GLN B 20 -6.29 1.14 40.94
N LYS B 21 -7.37 1.03 41.71
CA LYS B 21 -8.04 2.22 42.26
C LYS B 21 -8.39 3.25 41.19
N ILE B 22 -8.94 2.79 40.11
CA ILE B 22 -9.34 3.66 39.02
C ILE B 22 -10.68 4.35 39.31
N PRO B 23 -10.71 5.69 39.25
CA PRO B 23 -11.96 6.37 39.65
C PRO B 23 -13.10 6.21 38.64
N GLY B 24 -12.77 6.15 37.36
CA GLY B 24 -13.78 6.08 36.33
C GLY B 24 -13.21 5.35 35.14
N MET B 25 -14.04 4.59 34.46
CA MET B 25 -13.58 3.80 33.35
C MET B 25 -14.72 3.52 32.38
N ALA B 26 -14.40 3.59 31.08
CA ALA B 26 -15.34 3.15 30.08
C ALA B 26 -14.65 2.14 29.22
N VAL B 27 -15.41 1.11 28.82
CA VAL B 27 -14.84 0.08 27.95
C VAL B 27 -15.80 -0.16 26.82
N ALA B 28 -15.28 -0.39 25.60
CA ALA B 28 -16.14 -0.87 24.51
C ALA B 28 -15.58 -2.18 24.02
N VAL B 29 -16.45 -3.14 23.78
CA VAL B 29 -16.04 -4.33 23.05
C VAL B 29 -16.79 -4.29 21.75
N ILE B 30 -16.05 -4.46 20.68
CA ILE B 30 -16.66 -4.51 19.35
C ILE B 30 -16.57 -5.93 18.83
N TYR B 31 -17.73 -6.51 18.49
CA TYR B 31 -17.81 -7.91 18.09
C TYR B 31 -18.70 -7.97 16.87
N GLN B 32 -18.10 -8.27 15.71
CA GLN B 32 -18.84 -8.40 14.45
C GLN B 32 -19.51 -7.08 14.12
N GLY B 33 -18.78 -6.00 14.37
CA GLY B 33 -19.25 -4.66 14.04
C GLY B 33 -20.29 -4.09 14.99
N LYS B 34 -20.68 -4.85 16.01
CA LYS B 34 -21.59 -4.28 17.00
C LYS B 34 -20.75 -3.87 18.20
N PRO B 35 -20.90 -2.62 18.67
CA PRO B 35 -20.25 -2.21 19.91
C PRO B 35 -21.12 -2.53 21.10
N TYR B 36 -20.45 -2.85 22.20
CA TYR B 36 -21.09 -3.02 23.52
C TYR B 36 -20.28 -2.15 24.48
N TYR B 37 -20.99 -1.42 25.34
CA TYR B 37 -20.37 -0.47 26.22
C TYR B 37 -20.55 -0.79 27.69
N PHE B 38 -19.54 -0.44 28.46
CA PHE B 38 -19.52 -0.73 29.88
C PHE B 38 -18.96 0.50 30.56
N THR B 39 -19.58 0.91 31.66
CA THR B 39 -19.06 2.06 32.41
C THR B 39 -19.00 1.80 33.91
N TRP B 40 -18.06 2.45 34.57
CA TRP B 40 -17.92 2.35 36.01
C TRP B 40 -17.49 3.69 36.55
N GLY B 41 -18.01 4.03 37.72
CA GLY B 41 -17.44 5.08 38.53
C GLY B 41 -17.67 6.49 38.02
N TYR B 42 -16.70 7.36 38.29
CA TYR B 42 -16.93 8.80 38.11
C TYR B 42 -15.93 9.43 37.14
N ALA B 43 -16.45 10.33 36.30
CA ALA B 43 -15.65 11.25 35.49
C ALA B 43 -15.11 12.37 36.36
N ASP B 44 -15.92 12.85 37.31
CA ASP B 44 -15.53 13.90 38.22
C ASP B 44 -15.90 13.38 39.61
N ILE B 45 -14.87 13.06 40.42
CA ILE B 45 -15.12 12.51 41.76
C ILE B 45 -15.89 13.49 42.65
N ALA B 46 -15.40 14.72 42.70
CA ALA B 46 -15.99 15.68 43.62
C ALA B 46 -17.45 16.02 43.29
N LYS B 47 -17.76 16.14 42.00
CA LYS B 47 -19.12 16.43 41.55
C LYS B 47 -20.00 15.16 41.47
N LYS B 48 -19.37 14.02 41.73
CA LYS B 48 -19.96 12.69 41.51
C LYS B 48 -20.66 12.57 40.14
N GLN B 49 -19.99 13.01 39.10
CA GLN B 49 -20.51 12.91 37.74
C GLN B 49 -20.10 11.56 37.21
N PRO B 50 -21.07 10.74 36.82
CA PRO B 50 -20.71 9.39 36.37
C PRO B 50 -20.03 9.41 35.02
N VAL B 51 -19.19 8.41 34.77
CA VAL B 51 -18.75 8.12 33.40
C VAL B 51 -19.98 7.65 32.63
N THR B 52 -20.16 8.18 31.43
CA THR B 52 -21.27 7.81 30.57
C THR B 52 -20.69 7.61 29.19
N GLN B 53 -21.57 7.31 28.24
CA GLN B 53 -21.13 7.18 26.85
C GLN B 53 -20.70 8.51 26.25
N GLN B 54 -20.98 9.60 26.93
CA GLN B 54 -20.60 10.92 26.39
C GLN B 54 -19.33 11.46 27.05
N THR B 55 -18.74 10.73 27.97
CA THR B 55 -17.57 11.26 28.71
C THR B 55 -16.30 11.29 27.82
N LEU B 56 -15.63 12.46 27.72
CA LEU B 56 -14.36 12.51 27.01
C LEU B 56 -13.24 12.19 27.96
N PHE B 57 -12.32 11.35 27.51
CA PHE B 57 -11.10 10.96 28.19
C PHE B 57 -9.93 11.45 27.37
N GLU B 58 -8.81 11.78 28.02
CA GLU B 58 -7.59 12.05 27.29
C GLU B 58 -7.02 10.74 26.77
N LEU B 59 -6.73 10.69 25.48
CA LEU B 59 -6.20 9.45 24.90
C LEU B 59 -4.70 9.29 25.05
N GLY B 60 -4.03 10.39 25.36
CA GLY B 60 -2.57 10.38 25.42
C GLY B 60 -2.04 9.85 24.10
N SER B 61 -1.05 8.95 24.16
CA SER B 61 -0.43 8.45 22.92
C SER B 61 -1.25 7.59 21.98
N VAL B 62 -2.46 7.21 22.38
CA VAL B 62 -3.37 6.56 21.45
C VAL B 62 -3.68 7.57 20.34
N SER B 63 -3.46 8.85 20.64
CA SER B 63 -3.59 9.87 19.59
C SER B 63 -2.71 9.60 18.41
N LYS B 64 -1.59 8.87 18.60
CA LYS B 64 -0.69 8.63 17.49
C LYS B 64 -1.35 7.81 16.40
N THR B 65 -2.38 7.04 16.74
CA THR B 65 -3.03 6.26 15.70
C THR B 65 -3.80 7.24 14.78
N PHE B 66 -4.39 8.28 15.37
CA PHE B 66 -5.02 9.30 14.51
C PHE B 66 -3.96 10.01 13.64
N THR B 67 -2.84 10.32 14.25
CA THR B 67 -1.79 11.02 13.48
C THR B 67 -1.28 10.14 12.35
N GLY B 68 -1.08 8.85 12.62
CA GLY B 68 -0.67 7.93 11.57
C GLY B 68 -1.67 7.82 10.43
N VAL B 69 -2.94 7.75 10.77
CA VAL B 69 -3.95 7.65 9.74
C VAL B 69 -4.08 8.93 8.93
N LEU B 70 -3.93 10.07 9.60
CA LEU B 70 -3.99 11.34 8.89
C LEU B 70 -2.82 11.44 7.89
N GLY B 71 -1.65 10.98 8.32
CA GLY B 71 -0.49 10.96 7.41
C GLY B 71 -0.76 10.01 6.26
N GLY B 72 -1.28 8.85 6.60
CA GLY B 72 -1.70 7.91 5.57
C GLY B 72 -2.64 8.54 4.55
N ASP B 73 -3.59 9.33 5.02
CA ASP B 73 -4.57 9.97 4.14
C ASP B 73 -3.91 10.99 3.20
N ALA B 74 -2.90 11.69 3.73
CA ALA B 74 -2.15 12.68 2.98
C ALA B 74 -1.30 11.97 1.91
N ILE B 75 -0.77 10.81 2.25
CA ILE B 75 -0.05 10.03 1.21
C ILE B 75 -1.04 9.65 0.12
N ALA B 76 -2.21 9.11 0.48
CA ALA B 76 -3.24 8.72 -0.50
C ALA B 76 -3.71 9.88 -1.38
N ARG B 77 -3.72 11.07 -0.80
CA ARG B 77 -4.08 12.29 -1.51
C ARG B 77 -2.98 12.78 -2.45
N GLY B 78 -1.84 12.09 -2.44
CA GLY B 78 -0.70 12.54 -3.23
C GLY B 78 -0.04 13.80 -2.69
N GLU B 79 -0.33 14.16 -1.43
CA GLU B 79 0.25 15.37 -0.83
C GLU B 79 1.69 15.19 -0.30
N ILE B 80 1.98 14.01 0.23
CA ILE B 80 3.31 13.71 0.77
C ILE B 80 3.68 12.28 0.34
N LYS B 81 4.99 11.99 0.40
CA LYS B 81 5.50 10.60 0.24
C LYS B 81 6.36 10.29 1.45
N LEU B 82 6.30 9.06 1.96
CA LEU B 82 7.09 8.71 3.13
C LEU B 82 8.55 8.64 2.76
N SER B 83 8.83 8.50 1.47
CA SER B 83 10.21 8.47 1.02
C SER B 83 10.80 9.86 0.91
N ASP B 84 10.00 10.91 1.07
CA ASP B 84 10.58 12.25 0.95
C ASP B 84 11.42 12.71 2.16
N PRO B 85 12.50 13.48 1.89
CA PRO B 85 13.28 14.03 3.00
C PRO B 85 12.45 14.97 3.82
N THR B 86 12.72 14.97 5.12
CA THR B 86 12.03 15.86 6.03
C THR B 86 12.09 17.30 5.55
N THR B 87 13.23 17.69 4.97
CA THR B 87 13.47 19.06 4.57
C THR B 87 12.61 19.50 3.39
N LYS B 88 12.03 18.54 2.66
CA LYS B 88 11.13 18.92 1.57
C LYS B 88 9.93 19.70 2.11
N TYR B 89 9.50 19.36 3.32
CA TYR B 89 8.32 19.98 3.87
C TYR B 89 8.66 20.97 4.97
N TRP B 90 9.95 21.11 5.30
CA TRP B 90 10.40 22.12 6.26
C TRP B 90 11.71 22.68 5.72
N PRO B 91 11.61 23.60 4.75
CA PRO B 91 12.80 24.05 4.02
C PRO B 91 13.83 24.72 4.93
N GLU B 92 13.36 25.25 6.06
CA GLU B 92 14.22 25.94 7.01
C GLU B 92 15.10 24.96 7.81
N LEU B 93 14.75 23.68 7.74
CA LEU B 93 15.47 22.66 8.47
C LEU B 93 16.70 22.24 7.68
N THR B 94 17.75 23.05 7.77
CA THR B 94 18.87 22.92 6.83
C THR B 94 20.11 22.23 7.38
N ALA B 95 20.15 21.91 8.68
CA ALA B 95 21.41 21.37 9.20
C ALA B 95 21.72 19.97 8.64
N LYS B 96 22.99 19.63 8.57
CA LYS B 96 23.45 18.52 7.75
C LYS B 96 23.00 17.16 8.25
N GLN B 97 22.70 17.05 9.54
CA GLN B 97 22.33 15.76 10.10
C GLN B 97 20.97 15.28 9.60
N TRP B 98 20.18 16.19 9.02
CA TRP B 98 18.84 15.85 8.55
C TRP B 98 18.91 15.27 7.14
N ASN B 99 20.09 15.32 6.51
CA ASN B 99 20.22 14.69 5.20
C ASN B 99 20.02 13.19 5.33
N GLY B 100 19.04 12.67 4.61
CA GLY B 100 18.76 11.24 4.71
C GLY B 100 17.70 10.86 5.74
N ILE B 101 17.19 11.82 6.51
CA ILE B 101 16.06 11.50 7.39
C ILE B 101 14.73 11.84 6.69
N THR B 102 13.91 10.81 6.47
CA THR B 102 12.70 10.96 5.68
C THR B 102 11.49 10.99 6.56
N LEU B 103 10.35 11.29 5.97
CA LEU B 103 9.10 11.26 6.70
C LEU B 103 8.82 9.88 7.29
N LEU B 104 9.19 8.82 6.54
CA LEU B 104 9.06 7.47 7.08
C LEU B 104 9.77 7.38 8.45
N HIS B 105 11.02 7.83 8.49
CA HIS B 105 11.79 7.76 9.76
C HIS B 105 11.07 8.51 10.89
N LEU B 106 10.57 9.72 10.62
CA LEU B 106 9.87 10.46 11.69
C LEU B 106 8.61 9.70 12.12
N ALA B 107 7.85 9.21 11.15
CA ALA B 107 6.58 8.53 11.49
C ALA B 107 6.77 7.29 12.33
N THR B 108 7.90 6.61 12.18
CA THR B 108 8.09 5.29 12.76
C THR B 108 9.21 5.26 13.82
N TYR B 109 9.67 6.43 14.30
CA TYR B 109 10.63 6.61 15.41
C TYR B 109 11.98 6.07 15.04
N THR B 110 12.33 6.10 13.75
CA THR B 110 13.58 5.51 13.26
C THR B 110 14.55 6.54 12.68
N ALA B 111 14.34 7.80 13.03
CA ALA B 111 15.22 8.87 12.56
C ALA B 111 16.63 8.81 13.12
N GLY B 112 16.79 8.16 14.28
CA GLY B 112 18.09 8.06 14.90
C GLY B 112 18.19 8.59 16.32
N GLY B 113 17.14 8.43 17.11
CA GLY B 113 17.26 8.83 18.51
C GLY B 113 16.69 10.21 18.88
N LEU B 114 15.73 10.70 18.10
CA LEU B 114 14.93 11.86 18.54
C LEU B 114 14.36 11.50 19.89
N PRO B 115 14.30 12.46 20.81
CA PRO B 115 13.96 12.14 22.20
C PRO B 115 12.48 11.89 22.43
N LEU B 116 12.20 11.11 23.49
CA LEU B 116 10.83 10.77 23.85
C LEU B 116 9.96 12.03 23.96
N GLN B 117 10.47 13.05 24.65
CA GLN B 117 9.72 14.29 24.73
C GLN B 117 10.46 15.44 24.08
N VAL B 118 9.70 16.38 23.57
CA VAL B 118 10.28 17.67 23.23
C VAL B 118 10.49 18.36 24.57
N PRO B 119 11.68 18.93 24.81
CA PRO B 119 11.98 19.66 26.04
C PRO B 119 10.89 20.63 26.41
N ASP B 120 10.60 20.73 27.71
CA ASP B 120 9.48 21.52 28.19
C ASP B 120 9.58 23.00 27.81
N GLU B 121 10.81 23.47 27.64
CA GLU B 121 11.04 24.89 27.41
C GLU B 121 10.82 25.26 25.95
N VAL B 122 10.61 24.26 25.11
CA VAL B 122 10.44 24.51 23.69
C VAL B 122 8.96 24.75 23.46
N LYS B 123 8.64 25.95 23.01
CA LYS B 123 7.26 26.37 22.95
C LYS B 123 6.90 26.84 21.54
N SER B 124 7.69 27.78 21.04
CA SER B 124 7.37 28.52 19.82
C SER B 124 7.88 27.80 18.59
N SER B 125 7.40 28.22 17.43
CA SER B 125 7.90 27.66 16.17
C SER B 125 9.42 27.89 16.10
N SER B 126 9.84 29.05 16.55
CA SER B 126 11.24 29.43 16.56
C SER B 126 12.04 28.49 17.48
N ASP B 127 11.51 28.26 18.68
CA ASP B 127 12.12 27.28 19.59
C ASP B 127 12.22 25.92 18.96
N LEU B 128 11.16 25.49 18.26
CA LEU B 128 11.11 24.17 17.68
C LEU B 128 12.16 24.00 16.58
N LEU B 129 12.31 25.02 15.73
CA LEU B 129 13.32 24.95 14.69
C LEU B 129 14.71 24.81 15.32
N ARG B 130 14.97 25.60 16.34
CA ARG B 130 16.28 25.58 16.99
C ARG B 130 16.52 24.19 17.58
N PHE B 131 15.51 23.64 18.25
CA PHE B 131 15.66 22.32 18.85
C PHE B 131 16.03 21.27 17.78
N TYR B 132 15.29 21.19 16.67
CA TYR B 132 15.63 20.23 15.62
C TYR B 132 16.96 20.54 14.89
N GLN B 133 17.27 21.80 14.69
CA GLN B 133 18.52 22.19 14.01
C GLN B 133 19.69 21.80 14.88
N ASN B 134 19.48 21.78 16.19
CA ASN B 134 20.57 21.48 17.14
C ASN B 134 20.67 20.00 17.55
N TRP B 135 19.62 19.23 17.28
CA TRP B 135 19.62 17.81 17.71
C TRP B 135 20.67 17.01 16.97
N GLN B 136 21.47 16.22 17.70
CA GLN B 136 22.45 15.35 17.07
C GLN B 136 22.05 13.91 17.32
N PRO B 137 22.03 13.10 16.25
CA PRO B 137 21.53 11.71 16.34
C PRO B 137 22.41 10.77 17.14
N ALA B 138 21.77 9.77 17.75
CA ALA B 138 22.44 8.68 18.48
C ALA B 138 22.87 7.59 17.51
N TRP B 139 22.14 7.47 16.40
CA TRP B 139 22.34 6.42 15.42
C TRP B 139 22.03 6.97 14.05
N ALA B 140 22.49 6.28 13.01
CA ALA B 140 22.14 6.65 11.64
C ALA B 140 20.66 6.41 11.38
N PRO B 141 20.11 7.08 10.36
CA PRO B 141 18.67 6.90 10.13
C PRO B 141 18.34 5.43 9.71
N GLY B 142 17.18 4.92 10.15
CA GLY B 142 16.65 3.66 9.67
C GLY B 142 17.38 2.48 10.26
N THR B 143 17.97 2.67 11.45
CA THR B 143 18.68 1.57 12.11
C THR B 143 18.07 1.17 13.46
N GLN B 144 17.55 2.14 14.22
CA GLN B 144 17.07 1.88 15.57
C GLN B 144 15.72 2.54 15.74
N ARG B 145 14.78 1.84 16.38
CA ARG B 145 13.50 2.41 16.75
C ARG B 145 13.60 2.93 18.18
N LEU B 146 13.28 4.20 18.41
CA LEU B 146 13.20 4.72 19.77
C LEU B 146 11.92 5.56 19.87
N TYR B 147 10.93 5.00 20.57
CA TYR B 147 9.60 5.61 20.65
C TYR B 147 9.75 7.05 21.11
N ALA B 148 9.13 7.98 20.39
CA ALA B 148 9.38 9.40 20.62
C ALA B 148 8.26 10.29 20.13
N ASN B 149 7.78 11.14 21.03
CA ASN B 149 6.79 12.18 20.66
C ASN B 149 7.42 13.19 19.71
N SER B 150 8.72 13.45 19.84
CA SER B 150 9.39 14.42 19.00
C SER B 150 9.57 13.94 17.57
N SER B 151 9.44 12.64 17.38
CA SER B 151 9.55 12.02 16.06
C SER B 151 8.19 12.03 15.37
N ILE B 152 7.22 11.29 15.89
CA ILE B 152 5.93 11.24 15.17
C ILE B 152 5.18 12.56 15.27
N GLY B 153 5.44 13.32 16.34
CA GLY B 153 4.84 14.65 16.47
C GLY B 153 5.28 15.53 15.31
N LEU B 154 6.56 15.50 14.97
CA LEU B 154 7.04 16.27 13.82
C LEU B 154 6.50 15.73 12.48
N PHE B 155 6.38 14.41 12.38
CA PHE B 155 5.76 13.81 11.20
C PHE B 155 4.35 14.38 10.98
N GLY B 156 3.55 14.40 12.04
CA GLY B 156 2.20 14.95 11.93
C GLY B 156 2.13 16.41 11.48
N ALA B 157 2.98 17.23 12.07
CA ALA B 157 3.05 18.67 11.73
C ALA B 157 3.42 18.88 10.26
N LEU B 158 4.36 18.08 9.77
CA LEU B 158 4.81 18.24 8.39
C LEU B 158 3.87 17.61 7.38
N ALA B 159 3.19 16.52 7.77
CA ALA B 159 2.30 15.77 6.86
C ALA B 159 1.18 16.63 6.33
N VAL B 160 0.75 17.60 7.14
CA VAL B 160 -0.35 18.46 6.73
C VAL B 160 0.13 19.76 6.06
N LYS B 161 1.45 19.98 5.96
CA LYS B 161 1.91 21.24 5.38
C LYS B 161 1.44 21.48 3.95
N PRO B 162 1.51 20.45 3.08
CA PRO B 162 1.04 20.70 1.69
C PRO B 162 -0.43 21.12 1.60
N SER B 163 -1.25 20.66 2.53
CA SER B 163 -2.68 20.91 2.49
C SER B 163 -2.97 22.35 2.88
N GLY B 164 -2.01 22.99 3.52
CA GLY B 164 -2.21 24.33 4.04
C GLY B 164 -3.16 24.43 5.22
N LEU B 165 -3.70 23.29 5.67
CA LEU B 165 -4.56 23.26 6.84
C LEU B 165 -3.72 23.19 8.11
N SER B 166 -4.20 23.75 9.21
CA SER B 166 -3.58 23.45 10.51
C SER B 166 -3.78 21.97 10.79
N PHE B 167 -2.97 21.44 11.69
CA PHE B 167 -3.09 20.03 12.05
C PHE B 167 -4.50 19.73 12.54
N GLU B 168 -5.02 20.58 13.41
CA GLU B 168 -6.37 20.38 13.94
C GLU B 168 -7.43 20.38 12.83
N GLN B 169 -7.32 21.33 11.92
CA GLN B 169 -8.32 21.44 10.87
C GLN B 169 -8.24 20.21 9.95
N ALA B 170 -7.01 19.77 9.65
CA ALA B 170 -6.86 18.61 8.81
C ALA B 170 -7.47 17.39 9.53
N MET B 171 -7.12 17.22 10.80
CA MET B 171 -7.60 16.07 11.55
C MET B 171 -9.13 16.08 11.60
N GLN B 172 -9.69 17.23 11.95
CA GLN B 172 -11.16 17.34 12.02
C GLN B 172 -11.86 17.01 10.71
N THR B 173 -11.38 17.60 9.63
CA THR B 173 -12.13 17.56 8.39
C THR B 173 -11.85 16.28 7.58
N ARG B 174 -10.69 15.67 7.78
CA ARG B 174 -10.29 14.53 6.97
C ARG B 174 -10.42 13.20 7.71
N VAL B 175 -10.44 13.25 9.04
CA VAL B 175 -10.51 12.01 9.85
C VAL B 175 -11.74 11.99 10.77
N PHE B 176 -11.86 12.94 11.70
CA PHE B 176 -12.96 12.85 12.68
C PHE B 176 -14.32 12.95 11.99
N GLN B 177 -14.48 13.92 11.08
CA GLN B 177 -15.78 14.16 10.48
C GLN B 177 -16.29 13.03 9.57
N PRO B 178 -15.46 12.55 8.64
CA PRO B 178 -15.92 11.47 7.77
C PRO B 178 -16.30 10.21 8.55
N LEU B 179 -15.66 9.99 9.70
CA LEU B 179 -15.94 8.82 10.52
C LEU B 179 -17.01 9.13 11.58
N LYS B 180 -17.57 10.32 11.53
CA LYS B 180 -18.65 10.72 12.42
C LYS B 180 -18.24 10.63 13.90
N LEU B 181 -17.00 11.00 14.19
CA LEU B 181 -16.54 11.08 15.56
C LEU B 181 -16.92 12.47 16.07
N ASN B 182 -18.17 12.57 16.51
CA ASN B 182 -18.82 13.85 16.77
C ASN B 182 -18.53 14.39 18.16
N HIS B 183 -17.76 13.65 18.96
CA HIS B 183 -17.39 14.10 20.30
C HIS B 183 -15.92 13.83 20.54
N THR B 184 -15.14 14.09 19.51
CA THR B 184 -13.70 13.84 19.59
C THR B 184 -13.01 15.13 19.20
N TRP B 185 -12.03 15.54 20.02
CA TRP B 185 -11.41 16.85 19.89
C TRP B 185 -9.96 16.86 20.26
N ILE B 186 -9.21 17.71 19.57
CA ILE B 186 -7.84 18.08 20.00
C ILE B 186 -7.89 19.23 21.03
N ASN B 187 -8.79 20.19 20.82
CA ASN B 187 -9.11 21.21 21.81
C ASN B 187 -10.59 21.10 22.16
N VAL B 188 -10.89 20.78 23.42
CA VAL B 188 -12.26 20.53 23.84
C VAL B 188 -12.98 21.86 23.90
N PRO B 189 -14.08 22.02 23.15
CA PRO B 189 -14.75 23.32 23.13
C PRO B 189 -15.60 23.50 24.41
N PRO B 190 -16.01 24.74 24.72
CA PRO B 190 -16.80 24.98 25.94
C PRO B 190 -18.02 24.07 26.11
N ALA B 191 -18.75 23.81 25.03
CA ALA B 191 -19.93 22.95 25.06
C ALA B 191 -19.66 21.54 25.55
N GLU B 192 -18.41 21.07 25.41
CA GLU B 192 -18.06 19.74 25.84
C GLU B 192 -17.38 19.71 27.21
N GLU B 193 -17.09 20.87 27.81
CA GLU B 193 -16.38 20.85 29.10
C GLU B 193 -17.10 20.04 30.18
N LYS B 194 -18.42 20.15 30.26
CA LYS B 194 -19.19 19.41 31.25
C LYS B 194 -19.00 17.90 31.10
N ASN B 195 -18.63 17.45 29.91
CA ASN B 195 -18.43 16.01 29.61
C ASN B 195 -16.96 15.57 29.69
N TYR B 196 -16.05 16.52 29.91
CA TYR B 196 -14.63 16.20 29.86
C TYR B 196 -14.24 15.67 31.24
N ALA B 197 -13.90 14.39 31.34
CA ALA B 197 -13.55 13.80 32.64
C ALA B 197 -12.34 14.54 33.19
N TRP B 198 -12.21 14.62 34.52
CA TRP B 198 -10.90 14.94 35.06
C TRP B 198 -10.02 13.71 35.07
N GLY B 199 -8.71 13.88 34.91
CA GLY B 199 -7.79 12.78 35.19
C GLY B 199 -7.38 12.88 36.66
N TYR B 200 -6.92 11.78 37.24
CA TYR B 200 -6.52 11.77 38.66
C TYR B 200 -5.09 11.28 38.82
N ARG B 201 -4.25 12.16 39.34
CA ARG B 201 -2.86 11.80 39.57
C ARG B 201 -2.53 12.12 41.02
N GLU B 202 -2.18 11.06 41.75
CA GLU B 202 -1.95 11.12 43.20
C GLU B 202 -3.13 11.83 43.88
N GLY B 203 -4.34 11.48 43.45
CA GLY B 203 -5.55 11.99 44.06
C GLY B 203 -6.01 13.36 43.56
N LYS B 204 -5.16 14.05 42.81
CA LYS B 204 -5.46 15.40 42.32
C LYS B 204 -6.10 15.41 40.92
N ALA B 205 -7.11 16.26 40.71
CA ALA B 205 -7.79 16.31 39.43
C ALA B 205 -6.91 17.08 38.45
N VAL B 206 -6.56 16.44 37.33
CA VAL B 206 -5.67 17.11 36.36
C VAL B 206 -6.12 16.92 34.95
N HIS B 207 -5.84 17.92 34.11
CA HIS B 207 -5.89 17.76 32.67
C HIS B 207 -4.50 17.98 32.09
N VAL B 208 -4.29 17.42 30.90
CA VAL B 208 -2.99 17.52 30.20
C VAL B 208 -2.57 18.98 29.95
N SER B 209 -1.27 19.27 30.17
CA SER B 209 -0.71 20.61 30.00
C SER B 209 -0.35 20.84 28.52
N PRO B 210 -0.46 22.07 28.06
CA PRO B 210 0.01 22.39 26.70
C PRO B 210 1.51 22.04 26.55
N GLY B 211 1.91 21.69 25.34
CA GLY B 211 3.30 21.44 25.05
C GLY B 211 3.50 21.37 23.56
N ALA B 212 4.71 21.60 23.10
CA ALA B 212 4.98 21.57 21.67
C ALA B 212 4.63 20.21 21.10
N LEU B 213 3.94 20.26 19.96
CA LEU B 213 3.56 19.04 19.24
C LEU B 213 2.61 18.18 20.07
N ASP B 214 1.93 18.78 21.05
CA ASP B 214 0.94 18.01 21.80
C ASP B 214 -0.18 17.44 20.93
N ALA B 215 -0.75 18.26 20.05
CA ALA B 215 -1.87 17.79 19.24
C ALA B 215 -1.46 16.54 18.45
N GLU B 216 -0.25 16.60 17.89
CA GLU B 216 0.24 15.60 16.98
C GLU B 216 0.68 14.31 17.69
N ALA B 217 1.13 14.41 18.94
CA ALA B 217 1.64 13.23 19.60
C ALA B 217 0.78 12.60 20.69
N TYR B 218 -0.03 13.42 21.36
CA TYR B 218 -0.75 12.94 22.52
C TYR B 218 -2.01 13.75 22.88
N GLY B 219 -2.54 14.49 21.90
CA GLY B 219 -3.51 15.55 22.23
C GLY B 219 -4.99 15.30 21.98
N VAL B 220 -5.39 14.09 21.59
CA VAL B 220 -6.81 13.88 21.33
C VAL B 220 -7.60 13.47 22.58
N LYS B 221 -8.81 14.00 22.71
CA LYS B 221 -9.75 13.57 23.73
C LYS B 221 -10.95 12.97 23.01
N SER B 222 -11.50 11.88 23.56
CA SER B 222 -12.60 11.24 22.88
C SER B 222 -13.46 10.45 23.87
N THR B 223 -14.65 10.07 23.41
CA THR B 223 -15.61 9.27 24.19
C THR B 223 -15.49 7.79 23.88
N ILE B 224 -16.09 6.95 24.72
CA ILE B 224 -16.04 5.53 24.46
C ILE B 224 -16.79 5.19 23.15
N GLU B 225 -17.86 5.92 22.84
CA GLU B 225 -18.60 5.65 21.61
C GLU B 225 -17.76 5.98 20.38
N ASP B 226 -17.12 7.15 20.42
CA ASP B 226 -16.33 7.56 19.26
C ASP B 226 -15.14 6.62 19.12
N MET B 227 -14.56 6.18 20.24
CA MET B 227 -13.40 5.30 20.15
C MET B 227 -13.81 3.94 19.64
N ALA B 228 -15.00 3.49 19.99
CA ALA B 228 -15.44 2.21 19.40
C ALA B 228 -15.57 2.35 17.86
N ARG B 229 -16.10 3.47 17.42
CA ARG B 229 -16.23 3.73 16.00
C ARG B 229 -14.85 3.81 15.32
N TRP B 230 -13.90 4.45 16.01
CA TRP B 230 -12.53 4.49 15.54
C TRP B 230 -11.97 3.09 15.39
N VAL B 231 -12.14 2.26 16.40
CA VAL B 231 -11.64 0.88 16.26
C VAL B 231 -12.30 0.13 15.10
N GLN B 232 -13.62 0.28 14.98
CA GLN B 232 -14.31 -0.37 13.90
C GLN B 232 -13.85 0.09 12.54
N SER B 233 -13.52 1.39 12.42
CA SER B 233 -13.07 1.92 11.14
C SER B 233 -11.71 1.34 10.77
N ASN B 234 -10.90 1.12 11.80
CA ASN B 234 -9.57 0.56 11.60
C ASN B 234 -9.61 -0.96 11.42
N LEU B 235 -10.60 -1.61 12.01
CA LEU B 235 -10.85 -3.03 11.77
C LEU B 235 -11.32 -3.31 10.35
N LYS B 236 -12.24 -2.48 9.84
CA LYS B 236 -12.86 -2.74 8.56
C LYS B 236 -12.83 -1.51 7.65
N PRO B 237 -11.65 -1.17 7.15
CA PRO B 237 -11.50 0.08 6.38
C PRO B 237 -12.27 0.10 5.05
N LEU B 238 -12.60 -1.08 4.52
CA LEU B 238 -13.31 -1.14 3.25
C LEU B 238 -14.71 -0.57 3.35
N ASP B 239 -15.20 -0.39 4.56
CA ASP B 239 -16.54 0.17 4.72
C ASP B 239 -16.55 1.70 4.66
N ILE B 240 -15.37 2.30 4.69
CA ILE B 240 -15.23 3.76 4.68
C ILE B 240 -15.38 4.29 3.25
N ASN B 241 -16.29 5.25 3.06
CA ASN B 241 -16.63 5.71 1.70
C ASN B 241 -15.59 6.67 1.13
N GLU B 242 -14.91 7.40 2.01
CA GLU B 242 -13.92 8.38 1.56
C GLU B 242 -12.67 7.62 1.18
N LYS B 243 -12.36 7.63 -0.13
CA LYS B 243 -11.31 6.78 -0.69
C LYS B 243 -9.95 6.99 -0.08
N THR B 244 -9.53 8.26 0.02
CA THR B 244 -8.20 8.49 0.60
C THR B 244 -8.13 8.12 2.08
N LEU B 245 -9.24 8.22 2.82
CA LEU B 245 -9.19 7.88 4.24
C LEU B 245 -9.11 6.37 4.39
N GLN B 246 -9.91 5.70 3.58
CA GLN B 246 -9.84 4.24 3.49
C GLN B 246 -8.40 3.79 3.23
N GLN B 247 -7.78 4.39 2.22
CA GLN B 247 -6.40 4.06 1.88
CA GLN B 247 -6.39 4.08 1.87
C GLN B 247 -5.43 4.43 3.02
N GLY B 248 -5.63 5.57 3.64
CA GLY B 248 -4.79 5.99 4.76
C GLY B 248 -4.80 5.04 5.94
N ILE B 249 -5.99 4.52 6.26
CA ILE B 249 -6.08 3.50 7.33
C ILE B 249 -5.32 2.25 6.92
N GLN B 250 -5.44 1.84 5.66
CA GLN B 250 -4.68 0.67 5.22
C GLN B 250 -3.18 0.91 5.35
N LEU B 251 -2.73 2.10 4.96
CA LEU B 251 -1.29 2.40 5.00
C LEU B 251 -0.77 2.43 6.46
N ALA B 252 -1.63 2.83 7.40
CA ALA B 252 -1.19 2.98 8.79
C ALA B 252 -0.97 1.60 9.44
N GLN B 253 -1.59 0.57 8.87
CA GLN B 253 -1.37 -0.81 9.33
C GLN B 253 -0.43 -1.60 8.46
N SER B 254 0.20 -0.94 7.50
CA SER B 254 1.30 -1.59 6.78
C SER B 254 2.46 -1.86 7.75
N ARG B 255 3.22 -2.90 7.47
CA ARG B 255 4.38 -3.22 8.33
C ARG B 255 5.66 -2.66 7.73
N TYR B 256 6.23 -1.65 8.39
CA TYR B 256 7.38 -0.92 7.83
C TYR B 256 8.73 -1.41 8.37
N TRP B 257 8.70 -1.82 9.65
CA TRP B 257 9.89 -2.30 10.37
C TRP B 257 9.51 -3.44 11.26
N GLN B 258 10.48 -4.32 11.54
CA GLN B 258 10.24 -5.37 12.51
C GLN B 258 11.29 -5.27 13.61
N THR B 259 10.85 -5.38 14.86
CA THR B 259 11.78 -5.63 15.97
C THR B 259 11.19 -6.75 16.81
N GLY B 260 11.93 -7.84 16.97
CA GLY B 260 11.36 -8.97 17.66
C GLY B 260 10.13 -9.44 16.94
N ASP B 261 9.06 -9.63 17.71
CA ASP B 261 7.80 -10.07 17.16
C ASP B 261 6.83 -8.93 16.90
N MET B 262 7.30 -7.69 16.94
CA MET B 262 6.46 -6.53 16.66
CA MET B 262 6.43 -6.56 16.62
C MET B 262 6.79 -5.84 15.33
N TYR B 263 5.76 -5.30 14.69
CA TYR B 263 5.91 -4.58 13.44
C TYR B 263 5.41 -3.19 13.67
N GLN B 264 6.16 -2.19 13.21
CA GLN B 264 5.74 -0.80 13.37
C GLN B 264 4.92 -0.31 12.16
N GLY B 265 3.71 0.19 12.40
CA GLY B 265 2.92 0.82 11.34
C GLY B 265 3.04 2.34 11.53
N LEU B 266 2.04 3.09 11.09
CA LEU B 266 2.02 4.55 11.30
C LEU B 266 1.12 4.72 12.52
N GLY B 267 1.71 4.95 13.68
CA GLY B 267 0.98 5.02 14.94
C GLY B 267 0.65 3.65 15.52
N TRP B 268 -0.11 2.86 14.78
CA TRP B 268 -0.42 1.51 15.22
C TRP B 268 0.83 0.66 15.31
N GLU B 269 0.80 -0.29 16.24
CA GLU B 269 1.78 -1.39 16.27
C GLU B 269 1.09 -2.72 16.07
N MET B 270 1.77 -3.72 15.45
CA MET B 270 1.07 -4.91 15.04
C MET B 270 1.91 -6.15 15.39
N LEU B 271 1.25 -7.25 15.71
CA LEU B 271 1.95 -8.53 15.87
C LEU B 271 1.11 -9.55 15.14
N ASP B 272 1.70 -10.64 14.69
CA ASP B 272 0.88 -11.70 14.11
C ASP B 272 -0.05 -12.31 15.15
N TRP B 273 -1.30 -12.58 14.75
CA TRP B 273 -2.24 -13.32 15.58
C TRP B 273 -2.16 -14.79 15.15
N PRO B 274 -2.14 -15.72 16.13
CA PRO B 274 -2.22 -15.51 17.57
C PRO B 274 -0.89 -15.02 18.13
N VAL B 275 -0.96 -14.20 19.17
CA VAL B 275 0.23 -13.66 19.78
C VAL B 275 0.53 -14.46 21.03
N ASN B 276 1.74 -14.32 21.54
CA ASN B 276 2.04 -14.76 22.89
C ASN B 276 1.64 -13.66 23.85
N PRO B 277 0.63 -13.92 24.72
CA PRO B 277 0.21 -12.82 25.60
C PRO B 277 1.36 -12.30 26.46
N ASP B 278 2.27 -13.17 26.91
CA ASP B 278 3.38 -12.65 27.68
C ASP B 278 4.23 -11.62 26.90
N SER B 279 4.35 -11.81 25.60
CA SER B 279 5.13 -10.87 24.80
C SER B 279 4.50 -9.48 24.72
N ILE B 280 3.20 -9.42 24.45
CA ILE B 280 2.54 -8.12 24.41
C ILE B 280 2.39 -7.50 25.80
N ILE B 281 2.11 -8.32 26.81
CA ILE B 281 1.97 -7.80 28.18
C ILE B 281 3.33 -7.27 28.69
N ASN B 282 4.33 -8.13 28.72
CA ASN B 282 5.65 -7.67 29.17
C ASN B 282 6.21 -6.57 28.28
N GLY B 283 5.97 -6.67 26.97
CA GLY B 283 6.54 -5.72 26.03
C GLY B 283 5.94 -4.34 26.12
N SER B 284 4.79 -4.24 26.79
CA SER B 284 4.11 -2.96 26.92
C SER B 284 4.67 -2.15 28.08
N ASP B 285 5.43 -2.82 28.96
CA ASP B 285 6.04 -2.15 30.10
C ASP B 285 6.97 -1.11 29.52
N ASN B 286 6.97 0.10 30.09
CA ASN B 286 7.78 1.16 29.51
C ASN B 286 9.29 0.84 29.51
N LYS B 287 9.76 -0.06 30.36
CA LYS B 287 11.18 -0.40 30.32
C LYS B 287 11.61 -1.03 28.98
N ILE B 288 10.67 -1.68 28.32
CA ILE B 288 10.89 -2.20 26.98
C ILE B 288 10.32 -1.27 25.92
N ALA B 289 9.10 -0.77 26.13
CA ALA B 289 8.40 -0.07 25.07
C ALA B 289 9.07 1.25 24.73
N LEU B 290 9.74 1.83 25.71
CA LEU B 290 10.50 3.09 25.51
C LEU B 290 11.98 2.91 25.26
N ALA B 291 12.46 1.66 25.11
CA ALA B 291 13.88 1.40 24.87
C ALA B 291 14.21 1.31 23.40
N ALA B 292 15.44 1.68 23.03
CA ALA B 292 15.83 1.56 21.63
C ALA B 292 15.90 0.08 21.23
N ARG B 293 15.47 -0.25 20.02
CA ARG B 293 15.62 -1.61 19.50
C ARG B 293 16.06 -1.54 18.04
N PRO B 294 17.00 -2.38 17.63
CA PRO B 294 17.37 -2.40 16.22
C PRO B 294 16.20 -2.87 15.38
N VAL B 295 16.05 -2.28 14.20
CA VAL B 295 14.93 -2.60 13.35
C VAL B 295 15.42 -3.19 12.05
N LYS B 296 14.66 -4.15 11.52
CA LYS B 296 14.87 -4.65 10.15
C LYS B 296 13.83 -3.99 9.26
N ALA B 297 14.28 -3.39 8.17
CA ALA B 297 13.41 -2.75 7.20
C ALA B 297 12.61 -3.84 6.50
N ILE B 298 11.35 -3.57 6.25
CA ILE B 298 10.54 -4.51 5.52
C ILE B 298 10.35 -3.89 4.16
N THR B 299 11.03 -4.47 3.18
CA THR B 299 11.31 -3.83 1.90
C THR B 299 10.71 -4.63 0.75
N PRO B 300 9.53 -4.22 0.24
CA PRO B 300 8.67 -3.10 0.63
C PRO B 300 7.77 -3.45 1.81
N PRO B 301 7.11 -2.44 2.38
CA PRO B 301 6.28 -2.76 3.55
C PRO B 301 5.16 -3.72 3.20
N THR B 302 4.83 -4.57 4.16
CA THR B 302 3.80 -5.57 3.93
C THR B 302 2.44 -4.88 4.15
N PRO B 303 1.50 -5.08 3.21
CA PRO B 303 0.18 -4.47 3.42
C PRO B 303 -0.47 -5.05 4.67
N ALA B 304 -1.40 -4.31 5.24
CA ALA B 304 -2.08 -4.74 6.47
C ALA B 304 -2.48 -6.22 6.49
N VAL B 305 -2.06 -6.89 7.55
CA VAL B 305 -2.26 -8.32 7.69
C VAL B 305 -3.53 -8.51 8.53
N ARG B 306 -4.50 -9.24 7.99
CA ARG B 306 -5.75 -9.43 8.71
C ARG B 306 -5.54 -10.14 10.04
N ALA B 307 -4.70 -11.19 10.03
CA ALA B 307 -4.43 -11.95 11.24
C ALA B 307 -3.33 -11.28 12.05
N SER B 308 -3.70 -10.14 12.63
CA SER B 308 -2.80 -9.33 13.45
C SER B 308 -3.51 -8.99 14.74
N TRP B 309 -2.74 -8.88 15.81
CA TRP B 309 -3.15 -8.10 16.96
C TRP B 309 -2.62 -6.69 16.68
N VAL B 310 -3.52 -5.73 16.53
CA VAL B 310 -3.15 -4.35 16.27
C VAL B 310 -3.51 -3.52 17.49
N HIS B 311 -2.60 -2.70 17.99
CA HIS B 311 -2.86 -2.04 19.26
C HIS B 311 -2.04 -0.80 19.54
N LYS B 312 -2.38 -0.10 20.60
CA LYS B 312 -1.64 1.10 21.02
C LYS B 312 -2.02 1.41 22.47
N THR B 313 -1.03 1.57 23.31
CA THR B 313 -1.21 2.13 24.66
C THR B 313 -1.07 3.65 24.61
N GLY B 314 -1.69 4.32 25.57
CA GLY B 314 -1.56 5.78 25.69
C GLY B 314 -1.76 6.24 27.10
N ALA B 315 -1.02 7.27 27.50
CA ALA B 315 -1.24 7.85 28.82
C ALA B 315 -1.04 9.35 28.80
N THR B 316 -1.71 10.01 29.72
CA THR B 316 -1.28 11.35 30.17
C THR B 316 -1.08 11.28 31.67
N GLY B 317 -0.79 12.42 32.30
CA GLY B 317 -0.60 12.44 33.73
C GLY B 317 -1.78 11.85 34.48
N GLY B 318 -2.98 12.13 34.01
CA GLY B 318 -4.18 11.71 34.71
C GLY B 318 -4.98 10.61 34.03
N PHE B 319 -4.51 10.10 32.89
CA PHE B 319 -5.31 9.11 32.14
C PHE B 319 -4.51 7.91 31.63
N GLY B 320 -5.19 6.79 31.47
CA GLY B 320 -4.60 5.64 30.81
C GLY B 320 -5.54 4.94 29.85
N SER B 321 -5.11 4.81 28.60
CA SER B 321 -5.95 4.28 27.52
CA SER B 321 -5.96 4.26 27.55
C SER B 321 -5.31 3.09 26.83
N TYR B 322 -6.12 2.25 26.21
CA TYR B 322 -5.58 1.14 25.43
C TYR B 322 -6.63 0.81 24.40
N VAL B 323 -6.16 0.51 23.20
CA VAL B 323 -7.02 0.05 22.12
CA VAL B 323 -7.04 0.04 22.13
C VAL B 323 -6.36 -1.15 21.47
N ALA B 324 -7.13 -2.16 21.13
CA ALA B 324 -6.54 -3.34 20.49
C ALA B 324 -7.60 -3.99 19.62
N PHE B 325 -7.22 -4.54 18.47
CA PHE B 325 -8.22 -5.19 17.65
C PHE B 325 -7.57 -6.27 16.80
N ILE B 326 -8.38 -7.22 16.34
CA ILE B 326 -7.90 -8.32 15.49
C ILE B 326 -8.80 -8.36 14.26
N PRO B 327 -8.34 -7.85 13.12
CA PRO B 327 -9.24 -7.75 11.95
C PRO B 327 -9.81 -9.10 11.53
N GLU B 328 -8.99 -10.15 11.54
CA GLU B 328 -9.40 -11.50 11.18
C GLU B 328 -10.62 -11.93 11.97
N LYS B 329 -10.71 -11.51 13.22
CA LYS B 329 -11.77 -12.01 14.11
C LYS B 329 -12.92 -10.99 14.27
N GLU B 330 -12.79 -9.84 13.64
CA GLU B 330 -13.81 -8.76 13.74
C GLU B 330 -14.03 -8.37 15.20
N LEU B 331 -12.93 -8.29 15.92
CA LEU B 331 -12.97 -8.15 17.37
C LEU B 331 -12.12 -6.97 17.73
N GLY B 332 -12.65 -6.06 18.56
CA GLY B 332 -11.83 -4.98 19.09
C GLY B 332 -12.20 -4.60 20.52
N ILE B 333 -11.32 -3.85 21.17
CA ILE B 333 -11.57 -3.38 22.52
C ILE B 333 -11.00 -2.00 22.75
N VAL B 334 -11.74 -1.18 23.53
CA VAL B 334 -11.23 0.12 23.93
C VAL B 334 -11.35 0.23 25.43
N MET B 335 -10.27 0.65 26.11
CA MET B 335 -10.31 0.78 27.57
C MET B 335 -9.86 2.19 27.89
N LEU B 336 -10.75 3.00 28.45
CA LEU B 336 -10.43 4.39 28.78
C LEU B 336 -10.61 4.60 30.28
N ALA B 337 -9.55 5.06 30.94
CA ALA B 337 -9.57 5.32 32.39
C ALA B 337 -9.03 6.69 32.74
N ASN B 338 -9.61 7.29 33.78
CA ASN B 338 -9.08 8.58 34.26
C ASN B 338 -8.12 8.37 35.40
N LYS B 339 -7.24 7.39 35.23
CA LYS B 339 -6.02 7.25 36.03
C LYS B 339 -4.99 6.57 35.13
N ASN B 340 -3.74 7.02 35.19
CA ASN B 340 -2.66 6.39 34.44
C ASN B 340 -2.11 5.18 35.21
N TYR B 341 -2.58 3.98 34.89
CA TYR B 341 -2.18 2.81 35.66
C TYR B 341 -1.33 1.97 34.71
N PRO B 342 -0.57 0.99 35.22
CA PRO B 342 0.50 0.38 34.40
C PRO B 342 0.06 -0.31 33.10
N ASN B 343 0.79 -0.05 32.00
CA ASN B 343 0.50 -0.69 30.71
C ASN B 343 0.27 -2.20 30.78
N PRO B 344 1.13 -2.96 31.49
CA PRO B 344 0.87 -4.40 31.41
C PRO B 344 -0.47 -4.82 31.97
N ALA B 345 -1.00 -4.09 32.96
CA ALA B 345 -2.32 -4.41 33.50
C ALA B 345 -3.40 -4.19 32.43
N ARG B 346 -3.24 -3.16 31.60
CA ARG B 346 -4.18 -2.88 30.48
C ARG B 346 -4.18 -4.00 29.46
N VAL B 347 -2.99 -4.37 29.03
CA VAL B 347 -2.84 -5.32 27.96
C VAL B 347 -3.33 -6.68 28.45
N ASP B 348 -2.98 -7.03 29.69
CA ASP B 348 -3.38 -8.30 30.26
C ASP B 348 -4.90 -8.44 30.28
N ALA B 349 -5.58 -7.40 30.75
CA ALA B 349 -7.05 -7.38 30.79
C ALA B 349 -7.62 -7.50 29.38
N ALA B 350 -7.08 -6.76 28.42
CA ALA B 350 -7.62 -6.79 27.06
C ALA B 350 -7.41 -8.15 26.42
N TRP B 351 -6.23 -8.76 26.65
CA TRP B 351 -6.00 -10.12 26.18
C TRP B 351 -7.01 -11.12 26.75
N GLN B 352 -7.23 -11.08 28.06
CA GLN B 352 -8.21 -12.00 28.65
C GLN B 352 -9.56 -11.87 27.96
N ILE B 353 -9.96 -10.63 27.66
CA ILE B 353 -11.26 -10.41 27.07
C ILE B 353 -11.28 -10.87 25.63
N LEU B 354 -10.38 -10.37 24.81
CA LEU B 354 -10.44 -10.73 23.38
C LEU B 354 -10.17 -12.21 23.17
N ASN B 355 -9.30 -12.79 23.98
CA ASN B 355 -8.96 -14.20 23.78
C ASN B 355 -10.14 -15.08 24.11
N ALA B 356 -10.96 -14.62 25.04
CA ALA B 356 -12.12 -15.40 25.45
C ALA B 356 -13.18 -15.39 24.35
N LEU B 357 -13.24 -14.30 23.59
CA LEU B 357 -14.36 -14.07 22.67
C LEU B 357 -14.02 -14.49 21.24
N GLN B 358 -12.74 -14.66 21.00
CA GLN B 358 -12.20 -14.95 19.69
C GLN B 358 -12.58 -16.36 19.25
P PO4 C . -18.63 -16.12 -27.41
O1 PO4 C . -19.49 -17.20 -28.02
O2 PO4 C . -17.16 -16.47 -27.61
O3 PO4 C . -18.94 -16.02 -25.94
O4 PO4 C . -18.99 -14.78 -28.04
P PO4 D . -13.87 0.45 -38.50
O1 PO4 D . -14.04 -1.03 -38.30
O2 PO4 D . -13.04 1.05 -37.40
O3 PO4 D . -15.26 1.10 -38.56
O4 PO4 D . -13.20 0.67 -39.84
P PO4 E . -20.18 -4.45 -16.86
O1 PO4 E . -19.45 -5.52 -16.09
O2 PO4 E . -20.91 -3.60 -15.84
O3 PO4 E . -21.14 -5.11 -17.81
O4 PO4 E . -19.26 -3.54 -17.67
C01 1U7 F . -17.26 -1.19 -16.47
C02 1U7 F . -17.17 -2.37 -15.46
C03 1U7 F . -15.80 -2.54 -14.91
C04 1U7 F . -14.74 -2.66 -16.03
C05 1U7 F . -14.90 -1.57 -17.09
C06 1U7 F . -16.31 -1.39 -17.60
C07 1U7 F . -16.51 -0.46 -18.71
O08 1U7 F . -16.06 0.77 -18.19
C09 1U7 F . -15.64 -0.84 -19.88
C10 1U7 F . -15.96 -1.94 -20.66
C11 1U7 F . -15.13 -2.29 -21.78
C12 1U7 F . -14.01 -1.56 -22.08
C13 1U7 F . -13.67 -0.50 -21.34
C14 1U7 F . -14.54 -0.12 -20.19
C15 1U7 F . -17.92 -0.35 -19.13
C16 1U7 F . -18.92 -0.29 -18.01
N17 1U7 F . -18.66 -1.21 -16.89
#